data_2JYD
#
_entry.id   2JYD
#
loop_
_entity.id
_entity.type
_entity.pdbx_description
1 polymer 'F5 domain of Myelin transcription factor 1'
2 non-polymer 'ZINC ION'
#
_entity_poly.entity_id   1
_entity_poly.type   'polypeptide(L)'
_entity_poly.pdbx_seq_one_letter_code
;GSMAAHSADLKCPTPGCDGSGHITGNYASHRSLSGCPRAKKSGLRV
;
_entity_poly.pdbx_strand_id   A
#
# COMPACT_ATOMS: atom_id res chain seq x y z
N GLY A 1 6.87 -2.05 7.62
CA GLY A 1 5.89 -3.11 8.00
C GLY A 1 6.57 -4.46 8.16
N SER A 2 5.77 -5.50 8.35
CA SER A 2 6.30 -6.84 8.48
C SER A 2 6.41 -7.50 7.11
N MET A 3 5.42 -7.25 6.27
CA MET A 3 5.40 -7.79 4.92
C MET A 3 5.25 -6.66 3.91
N ALA A 4 6.37 -6.24 3.32
CA ALA A 4 6.36 -5.15 2.36
C ALA A 4 6.25 -5.69 0.94
N ALA A 5 6.91 -5.03 -0.01
CA ALA A 5 6.89 -5.45 -1.40
C ALA A 5 8.29 -5.63 -1.94
N HIS A 6 8.39 -5.90 -3.23
CA HIS A 6 9.68 -6.05 -3.88
C HIS A 6 10.43 -4.71 -3.88
N SER A 7 9.67 -3.63 -3.85
CA SER A 7 10.24 -2.29 -3.78
C SER A 7 10.52 -1.89 -2.33
N ALA A 8 10.89 -2.88 -1.52
CA ALA A 8 11.22 -2.68 -0.10
C ALA A 8 10.05 -2.07 0.67
N ASP A 9 10.37 -1.47 1.81
CA ASP A 9 9.35 -0.80 2.63
C ASP A 9 9.28 0.67 2.25
N LEU A 10 9.42 0.93 0.96
CA LEU A 10 9.27 2.27 0.43
C LEU A 10 7.83 2.46 0.00
N LYS A 11 7.22 1.35 -0.37
CA LYS A 11 5.81 1.30 -0.63
C LYS A 11 5.26 -0.03 -0.13
N CYS A 12 3.98 -0.23 -0.36
CA CYS A 12 3.26 -1.36 0.18
C CYS A 12 3.24 -2.55 -0.80
N PRO A 13 2.83 -3.74 -0.31
CA PRO A 13 2.80 -4.96 -1.12
C PRO A 13 1.94 -4.84 -2.38
N THR A 14 0.76 -4.24 -2.24
CA THR A 14 -0.19 -4.13 -3.34
C THR A 14 0.39 -3.34 -4.51
N PRO A 15 0.53 -3.98 -5.69
CA PRO A 15 1.12 -3.35 -6.88
C PRO A 15 0.23 -2.26 -7.46
N GLY A 16 -1.08 -2.43 -7.34
CA GLY A 16 -2.01 -1.45 -7.86
C GLY A 16 -2.13 -0.26 -6.94
N CYS A 17 -1.81 -0.48 -5.67
CA CYS A 17 -1.78 0.60 -4.70
C CYS A 17 -0.39 1.23 -4.69
N ASP A 18 -0.30 2.44 -4.15
CA ASP A 18 0.95 3.17 -4.16
C ASP A 18 1.56 3.25 -2.75
N GLY A 19 0.71 3.41 -1.75
CA GLY A 19 1.20 3.50 -0.39
C GLY A 19 0.73 4.74 0.33
N SER A 20 0.20 5.70 -0.41
CA SER A 20 -0.35 6.90 0.19
C SER A 20 -1.83 6.73 0.47
N GLY A 21 -2.28 7.22 1.62
CA GLY A 21 -3.67 7.09 1.98
C GLY A 21 -3.93 5.86 2.83
N HIS A 22 -5.20 5.56 3.04
CA HIS A 22 -5.65 4.39 3.79
C HIS A 22 -7.08 4.06 3.39
N ILE A 23 -7.47 2.80 3.52
CA ILE A 23 -8.86 2.41 3.30
C ILE A 23 -9.72 3.09 4.35
N THR A 24 -9.07 3.36 5.47
CA THR A 24 -9.64 4.10 6.56
C THR A 24 -9.98 5.53 6.16
N GLY A 25 -8.95 6.27 5.80
CA GLY A 25 -9.10 7.68 5.54
C GLY A 25 -8.85 8.50 6.79
N ASN A 26 -7.79 8.13 7.50
CA ASN A 26 -7.49 8.74 8.80
C ASN A 26 -5.99 8.94 8.96
N TYR A 27 -5.23 8.65 7.91
CA TYR A 27 -3.77 8.78 7.95
C TYR A 27 -3.26 9.40 6.66
N ALA A 28 -1.95 9.53 6.55
CA ALA A 28 -1.33 10.11 5.37
C ALA A 28 -0.84 9.04 4.42
N SER A 29 -0.26 7.97 4.97
CA SER A 29 0.28 6.89 4.14
C SER A 29 0.44 5.60 4.93
N HIS A 30 0.84 4.54 4.21
CA HIS A 30 1.05 3.23 4.81
C HIS A 30 2.16 2.51 4.03
N ARG A 31 2.53 1.31 4.47
CA ARG A 31 3.57 0.54 3.79
C ARG A 31 3.25 -0.95 3.83
N SER A 32 1.98 -1.27 4.00
CA SER A 32 1.55 -2.66 4.05
C SER A 32 0.12 -2.79 3.54
N LEU A 33 -0.34 -4.03 3.40
CA LEU A 33 -1.68 -4.30 2.88
C LEU A 33 -2.74 -4.02 3.93
N SER A 34 -2.31 -3.65 5.13
CA SER A 34 -3.23 -3.36 6.21
C SER A 34 -3.81 -1.97 6.04
N GLY A 35 -3.11 -1.13 5.28
CA GLY A 35 -3.54 0.23 5.08
C GLY A 35 -3.97 0.53 3.66
N CYS A 36 -3.74 -0.43 2.76
CA CYS A 36 -4.07 -0.25 1.35
C CYS A 36 -5.55 0.05 1.15
N PRO A 37 -5.88 1.27 0.71
CA PRO A 37 -7.25 1.64 0.38
C PRO A 37 -7.65 1.05 -0.96
N ARG A 38 -6.67 0.53 -1.68
CA ARG A 38 -6.90 -0.15 -2.94
C ARG A 38 -6.49 -1.62 -2.82
N ALA A 39 -6.45 -2.13 -1.59
CA ALA A 39 -6.06 -3.52 -1.34
C ALA A 39 -6.93 -4.48 -2.12
N LYS A 40 -6.38 -4.97 -3.23
CA LYS A 40 -7.11 -5.84 -4.15
C LYS A 40 -8.47 -5.24 -4.51
N LYS A 41 -8.52 -3.93 -4.61
CA LYS A 41 -9.76 -3.20 -4.88
C LYS A 41 -9.94 -3.00 -6.38
N SER A 42 -10.25 -4.10 -7.07
CA SER A 42 -10.43 -4.09 -8.53
C SER A 42 -9.09 -3.86 -9.24
N GLY A 43 -8.51 -2.68 -9.06
CA GLY A 43 -7.21 -2.40 -9.61
C GLY A 43 -6.10 -2.90 -8.72
N LEU A 44 -5.98 -4.22 -8.62
CA LEU A 44 -5.00 -4.86 -7.74
C LEU A 44 -3.62 -4.87 -8.38
N ARG A 45 -3.58 -5.03 -9.70
CA ARG A 45 -2.32 -5.08 -10.42
C ARG A 45 -2.44 -4.39 -11.77
N VAL A 46 -1.78 -3.24 -11.90
CA VAL A 46 -1.79 -2.49 -13.15
C VAL A 46 -0.36 -2.21 -13.59
N GLY A 1 13.92 2.89 4.67
CA GLY A 1 12.52 3.23 4.37
C GLY A 1 11.71 2.03 3.94
N SER A 2 12.26 1.25 3.02
CA SER A 2 11.60 0.05 2.53
C SER A 2 11.34 -0.94 3.67
N MET A 3 10.12 -1.47 3.70
CA MET A 3 9.73 -2.39 4.76
C MET A 3 10.23 -3.80 4.44
N ALA A 4 9.98 -4.25 3.22
CA ALA A 4 10.45 -5.55 2.77
C ALA A 4 11.85 -5.41 2.16
N ALA A 5 12.52 -6.54 1.99
CA ALA A 5 13.89 -6.54 1.47
C ALA A 5 13.92 -6.48 -0.06
N HIS A 6 13.36 -5.40 -0.60
CA HIS A 6 13.45 -5.14 -2.03
C HIS A 6 13.32 -3.63 -2.28
N SER A 7 14.16 -3.12 -3.16
CA SER A 7 14.29 -1.67 -3.36
C SER A 7 12.97 -0.99 -3.73
N ALA A 8 12.08 -1.71 -4.41
CA ALA A 8 10.81 -1.15 -4.84
C ALA A 8 9.80 -1.08 -3.70
N ASP A 9 10.21 -1.46 -2.50
CA ASP A 9 9.33 -1.41 -1.34
C ASP A 9 9.36 -0.03 -0.70
N LEU A 10 9.24 0.99 -1.54
CA LEU A 10 9.15 2.37 -1.06
C LEU A 10 7.69 2.72 -0.77
N LYS A 11 6.87 1.69 -0.87
CA LYS A 11 5.44 1.81 -0.65
C LYS A 11 4.97 0.54 0.04
N CYS A 12 3.70 0.22 -0.08
CA CYS A 12 3.17 -0.99 0.49
C CYS A 12 3.44 -2.20 -0.41
N PRO A 13 3.24 -3.41 0.11
CA PRO A 13 3.42 -4.66 -0.63
C PRO A 13 2.49 -4.78 -1.84
N THR A 14 1.47 -3.92 -1.85
CA THR A 14 0.43 -3.97 -2.87
C THR A 14 0.85 -3.25 -4.16
N PRO A 15 0.84 -3.97 -5.30
CA PRO A 15 1.27 -3.44 -6.60
C PRO A 15 0.25 -2.46 -7.20
N GLY A 16 -1.04 -2.74 -7.00
CA GLY A 16 -2.08 -1.91 -7.57
C GLY A 16 -2.30 -0.64 -6.76
N CYS A 17 -1.77 -0.64 -5.55
CA CYS A 17 -1.84 0.50 -4.67
C CYS A 17 -0.49 1.24 -4.67
N ASP A 18 -0.51 2.53 -4.38
CA ASP A 18 0.70 3.34 -4.52
C ASP A 18 1.39 3.54 -3.18
N GLY A 19 0.71 3.16 -2.10
CA GLY A 19 1.30 3.26 -0.78
C GLY A 19 0.82 4.47 0.00
N SER A 20 0.21 5.42 -0.70
CA SER A 20 -0.29 6.62 -0.05
C SER A 20 -1.79 6.47 0.25
N GLY A 21 -2.21 7.02 1.38
CA GLY A 21 -3.60 6.95 1.78
C GLY A 21 -3.87 5.76 2.67
N HIS A 22 -5.13 5.53 2.99
CA HIS A 22 -5.57 4.38 3.78
C HIS A 22 -7.02 4.09 3.49
N ILE A 23 -7.42 2.84 3.61
CA ILE A 23 -8.82 2.46 3.43
C ILE A 23 -9.65 3.02 4.59
N THR A 24 -8.97 3.29 5.70
CA THR A 24 -9.61 3.88 6.87
C THR A 24 -9.74 5.40 6.73
N GLY A 25 -8.91 5.99 5.87
CA GLY A 25 -8.97 7.43 5.63
C GLY A 25 -8.52 8.26 6.82
N ASN A 26 -7.75 7.64 7.71
CA ASN A 26 -7.34 8.30 8.95
C ASN A 26 -5.84 8.61 8.96
N TYR A 27 -5.15 8.30 7.87
CA TYR A 27 -3.70 8.47 7.83
C TYR A 27 -3.27 9.17 6.54
N ALA A 28 -1.96 9.24 6.34
CA ALA A 28 -1.40 9.88 5.14
C ALA A 28 -0.85 8.83 4.17
N SER A 29 -0.15 7.84 4.71
CA SER A 29 0.43 6.77 3.89
C SER A 29 0.62 5.50 4.72
N HIS A 30 1.02 4.43 4.05
CA HIS A 30 1.23 3.14 4.71
C HIS A 30 2.36 2.36 4.04
N ARG A 31 2.74 1.24 4.64
CA ARG A 31 3.82 0.39 4.11
C ARG A 31 3.42 -1.09 4.14
N SER A 32 2.15 -1.36 4.44
CA SER A 32 1.66 -2.73 4.54
C SER A 32 0.38 -2.93 3.74
N LEU A 33 -0.04 -4.19 3.58
CA LEU A 33 -1.22 -4.51 2.78
C LEU A 33 -2.51 -4.22 3.54
N SER A 34 -2.40 -3.72 4.76
CA SER A 34 -3.55 -3.48 5.61
C SER A 34 -4.26 -2.17 5.27
N GLY A 35 -3.50 -1.09 5.25
CA GLY A 35 -4.10 0.23 5.07
C GLY A 35 -4.20 0.65 3.61
N CYS A 36 -4.38 -0.31 2.72
CA CYS A 36 -4.51 -0.03 1.30
C CYS A 36 -5.90 0.48 0.95
N PRO A 37 -6.00 1.73 0.47
CA PRO A 37 -7.25 2.29 -0.03
C PRO A 37 -7.65 1.63 -1.35
N ARG A 38 -6.65 1.05 -2.01
CA ARG A 38 -6.88 0.25 -3.20
C ARG A 38 -6.86 -1.22 -2.81
N ALA A 39 -7.50 -1.51 -1.69
CA ALA A 39 -7.48 -2.84 -1.08
C ALA A 39 -7.65 -3.94 -2.10
N LYS A 40 -6.62 -4.76 -2.20
CA LYS A 40 -6.57 -5.88 -3.13
C LYS A 40 -7.83 -6.74 -3.05
N LYS A 41 -8.32 -7.17 -4.20
CA LYS A 41 -9.53 -7.96 -4.27
C LYS A 41 -9.37 -9.10 -5.28
N SER A 42 -9.20 -8.72 -6.54
CA SER A 42 -9.02 -9.70 -7.61
C SER A 42 -7.64 -10.33 -7.56
N GLY A 43 -6.71 -9.64 -6.90
CA GLY A 43 -5.36 -10.14 -6.75
C GLY A 43 -4.57 -9.32 -5.77
N LEU A 44 -3.87 -9.98 -4.85
CA LEU A 44 -3.11 -9.28 -3.83
C LEU A 44 -1.84 -8.67 -4.42
N ARG A 45 -0.97 -9.53 -4.94
CA ARG A 45 0.26 -9.08 -5.59
C ARG A 45 0.75 -10.10 -6.61
N VAL A 46 0.12 -10.10 -7.78
CA VAL A 46 0.52 -11.00 -8.84
C VAL A 46 1.59 -10.34 -9.71
N GLY A 1 22.61 -21.01 -1.49
CA GLY A 1 22.48 -19.54 -1.40
C GLY A 1 21.33 -19.14 -0.52
N SER A 2 21.60 -18.27 0.44
CA SER A 2 20.57 -17.78 1.34
C SER A 2 20.30 -16.31 1.07
N MET A 3 19.10 -15.85 1.41
CA MET A 3 18.74 -14.45 1.23
C MET A 3 19.56 -13.58 2.17
N ALA A 4 19.97 -12.41 1.67
CA ALA A 4 20.78 -11.50 2.43
C ALA A 4 19.94 -10.40 3.03
N ALA A 5 18.97 -9.94 2.27
CA ALA A 5 18.06 -8.89 2.73
C ALA A 5 16.72 -9.00 2.03
N HIS A 6 15.66 -8.66 2.74
CA HIS A 6 14.33 -8.70 2.18
C HIS A 6 13.68 -7.34 2.31
N SER A 7 13.87 -6.50 1.30
CA SER A 7 13.32 -5.16 1.30
C SER A 7 11.98 -5.13 0.58
N ALA A 8 10.96 -5.67 1.24
CA ALA A 8 9.63 -5.72 0.65
C ALA A 8 8.67 -4.80 1.40
N ASP A 9 9.24 -3.95 2.25
CA ASP A 9 8.44 -3.00 3.02
C ASP A 9 8.76 -1.58 2.61
N LEU A 10 9.04 -1.41 1.34
CA LEU A 10 9.23 -0.09 0.76
C LEU A 10 7.96 0.33 0.05
N LYS A 11 7.59 -0.44 -0.95
CA LYS A 11 6.31 -0.31 -1.59
C LYS A 11 5.42 -1.44 -1.12
N CYS A 12 4.26 -1.08 -0.63
CA CYS A 12 3.37 -2.01 0.03
C CYS A 12 2.98 -3.20 -0.87
N PRO A 13 2.51 -4.30 -0.25
CA PRO A 13 2.24 -5.56 -0.95
C PRO A 13 1.32 -5.43 -2.16
N THR A 14 0.41 -4.46 -2.12
CA THR A 14 -0.52 -4.25 -3.22
C THR A 14 0.11 -3.44 -4.36
N PRO A 15 0.32 -4.09 -5.52
CA PRO A 15 0.95 -3.46 -6.69
C PRO A 15 0.11 -2.34 -7.29
N GLY A 16 -1.20 -2.48 -7.15
CA GLY A 16 -2.11 -1.49 -7.70
C GLY A 16 -2.33 -0.33 -6.75
N CYS A 17 -1.71 -0.42 -5.58
CA CYS A 17 -1.81 0.63 -4.59
C CYS A 17 -0.70 1.66 -4.79
N ASP A 18 -0.90 2.85 -4.27
CA ASP A 18 0.07 3.92 -4.41
C ASP A 18 0.86 4.08 -3.12
N GLY A 19 0.28 3.61 -2.01
CA GLY A 19 0.99 3.61 -0.74
C GLY A 19 0.71 4.84 0.11
N SER A 20 0.44 5.97 -0.53
CA SER A 20 0.22 7.20 0.19
C SER A 20 -1.27 7.48 0.39
N GLY A 21 -1.89 6.70 1.25
CA GLY A 21 -3.29 6.89 1.56
C GLY A 21 -3.82 5.77 2.41
N HIS A 22 -5.11 5.77 2.65
CA HIS A 22 -5.76 4.72 3.44
C HIS A 22 -7.21 4.59 3.00
N ILE A 23 -7.73 3.36 2.99
CA ILE A 23 -9.15 3.15 2.68
C ILE A 23 -9.98 3.53 3.90
N THR A 24 -9.28 3.62 5.01
CA THR A 24 -9.82 4.01 6.27
C THR A 24 -10.26 5.47 6.26
N GLY A 25 -9.26 6.33 6.22
CA GLY A 25 -9.50 7.75 6.28
C GLY A 25 -8.94 8.36 7.56
N ASN A 26 -8.11 7.57 8.24
CA ASN A 26 -7.57 7.98 9.53
C ASN A 26 -6.09 8.31 9.42
N TYR A 27 -5.47 7.86 8.33
CA TYR A 27 -4.03 8.00 8.15
C TYR A 27 -3.72 8.53 6.76
N ALA A 28 -2.63 9.27 6.66
CA ALA A 28 -2.23 9.88 5.40
C ALA A 28 -1.55 8.88 4.48
N SER A 29 -0.79 7.95 5.06
CA SER A 29 -0.06 6.98 4.27
C SER A 29 0.21 5.71 5.08
N HIS A 30 0.75 4.69 4.42
CA HIS A 30 1.13 3.45 5.06
C HIS A 30 2.42 2.93 4.45
N ARG A 31 2.69 1.66 4.65
CA ARG A 31 3.90 1.03 4.13
C ARG A 31 3.64 -0.43 3.81
N SER A 32 2.69 -1.02 4.52
CA SER A 32 2.35 -2.43 4.32
C SER A 32 0.85 -2.57 4.12
N LEU A 33 0.37 -3.82 4.02
CA LEU A 33 -1.04 -4.09 3.76
C LEU A 33 -1.90 -3.91 5.00
N SER A 34 -1.69 -2.82 5.71
CA SER A 34 -2.47 -2.51 6.88
C SER A 34 -3.43 -1.35 6.60
N GLY A 35 -3.25 -0.72 5.45
CA GLY A 35 -4.07 0.40 5.09
C GLY A 35 -4.08 0.67 3.61
N CYS A 36 -3.81 -0.37 2.82
CA CYS A 36 -3.85 -0.27 1.36
C CYS A 36 -5.26 0.07 0.90
N PRO A 37 -5.47 1.29 0.39
CA PRO A 37 -6.79 1.74 -0.04
C PRO A 37 -7.12 1.26 -1.45
N ARG A 38 -6.12 0.74 -2.15
CA ARG A 38 -6.31 0.15 -3.46
C ARG A 38 -6.02 -1.34 -3.39
N ALA A 39 -6.30 -1.94 -2.24
CA ALA A 39 -6.00 -3.35 -2.02
C ALA A 39 -6.91 -4.25 -2.84
N LYS A 40 -6.45 -4.54 -4.05
CA LYS A 40 -7.15 -5.42 -4.98
C LYS A 40 -8.64 -5.07 -5.07
N LYS A 41 -8.92 -3.81 -5.37
CA LYS A 41 -10.30 -3.35 -5.49
C LYS A 41 -10.86 -3.71 -6.85
N SER A 42 -10.28 -3.12 -7.88
CA SER A 42 -10.62 -3.44 -9.26
C SER A 42 -9.48 -4.23 -9.87
N GLY A 43 -8.92 -5.14 -9.08
CA GLY A 43 -7.74 -5.86 -9.47
C GLY A 43 -6.51 -5.20 -8.87
N LEU A 44 -5.34 -5.63 -9.29
CA LEU A 44 -4.11 -5.03 -8.79
C LEU A 44 -3.40 -4.28 -9.91
N ARG A 45 -4.13 -4.01 -10.99
CA ARG A 45 -3.58 -3.28 -12.12
C ARG A 45 -4.58 -2.22 -12.58
N VAL A 46 -4.81 -1.23 -11.74
CA VAL A 46 -5.74 -0.15 -12.03
C VAL A 46 -5.38 1.07 -11.22
N GLY A 1 7.67 10.21 21.03
CA GLY A 1 6.24 10.12 20.64
C GLY A 1 6.09 9.90 19.15
N SER A 2 4.84 9.95 18.67
CA SER A 2 4.54 9.76 17.26
C SER A 2 5.15 8.46 16.74
N MET A 3 4.54 7.34 17.13
CA MET A 3 5.03 6.01 16.77
C MET A 3 5.20 5.88 15.26
N ALA A 4 6.46 5.80 14.82
CA ALA A 4 6.78 5.73 13.40
C ALA A 4 6.16 6.90 12.63
N ALA A 5 6.60 8.10 12.99
CA ALA A 5 6.02 9.33 12.45
C ALA A 5 6.19 9.42 10.93
N HIS A 6 7.28 8.86 10.43
CA HIS A 6 7.52 8.87 8.99
C HIS A 6 7.16 7.52 8.38
N SER A 7 6.00 7.47 7.73
CA SER A 7 5.55 6.24 7.09
C SER A 7 6.42 5.91 5.89
N ALA A 8 6.63 6.91 5.03
CA ALA A 8 7.49 6.80 3.85
C ALA A 8 6.89 5.86 2.81
N ASP A 9 6.51 6.42 1.68
CA ASP A 9 5.92 5.65 0.60
C ASP A 9 6.99 4.92 -0.20
N LEU A 10 7.43 3.77 0.31
CA LEU A 10 8.37 2.92 -0.39
C LEU A 10 7.62 1.78 -1.07
N LYS A 11 6.31 2.00 -1.22
CA LYS A 11 5.39 1.05 -1.83
C LYS A 11 5.19 -0.20 -0.98
N CYS A 12 3.96 -0.65 -0.96
CA CYS A 12 3.50 -1.69 -0.07
C CYS A 12 3.33 -3.01 -0.84
N PRO A 13 2.77 -4.07 -0.20
CA PRO A 13 2.56 -5.37 -0.86
C PRO A 13 1.68 -5.27 -2.10
N THR A 14 0.82 -4.26 -2.12
CA THR A 14 -0.12 -4.08 -3.21
C THR A 14 0.44 -3.15 -4.30
N PRO A 15 0.74 -3.70 -5.49
CA PRO A 15 1.29 -2.92 -6.60
C PRO A 15 0.29 -1.92 -7.16
N GLY A 16 -1.00 -2.25 -7.09
CA GLY A 16 -2.03 -1.39 -7.60
C GLY A 16 -2.42 -0.29 -6.63
N CYS A 17 -1.75 -0.29 -5.48
CA CYS A 17 -1.97 0.71 -4.47
C CYS A 17 -1.14 1.95 -4.77
N ASP A 18 -1.41 3.03 -4.06
CA ASP A 18 -0.70 4.27 -4.27
C ASP A 18 0.25 4.54 -3.10
N GLY A 19 0.10 3.75 -2.04
CA GLY A 19 1.02 3.84 -0.92
C GLY A 19 0.72 5.00 0.02
N SER A 20 0.48 6.17 -0.54
CA SER A 20 0.21 7.35 0.27
C SER A 20 -1.29 7.56 0.46
N GLY A 21 -1.90 6.61 1.15
CA GLY A 21 -3.31 6.71 1.47
C GLY A 21 -3.73 5.66 2.47
N HIS A 22 -5.03 5.52 2.67
CA HIS A 22 -5.60 4.51 3.55
C HIS A 22 -7.07 4.31 3.21
N ILE A 23 -7.55 3.09 3.36
CA ILE A 23 -8.97 2.82 3.16
C ILE A 23 -9.79 3.47 4.27
N THR A 24 -9.20 3.56 5.46
CA THR A 24 -9.83 4.23 6.58
C THR A 24 -9.79 5.74 6.40
N GLY A 25 -8.85 6.21 5.57
CA GLY A 25 -8.74 7.63 5.26
C GLY A 25 -8.32 8.46 6.46
N ASN A 26 -7.96 7.78 7.55
CA ASN A 26 -7.64 8.46 8.80
C ASN A 26 -6.14 8.74 8.92
N TYR A 27 -5.40 8.35 7.88
CA TYR A 27 -3.95 8.50 7.91
C TYR A 27 -3.46 9.20 6.65
N ALA A 28 -2.16 9.12 6.40
CA ALA A 28 -1.57 9.74 5.23
C ALA A 28 -0.89 8.70 4.34
N SER A 29 -0.25 7.71 4.95
CA SER A 29 0.46 6.68 4.22
C SER A 29 0.59 5.40 5.06
N HIS A 30 1.19 4.37 4.50
CA HIS A 30 1.35 3.09 5.19
C HIS A 30 2.55 2.34 4.61
N ARG A 31 2.58 1.03 4.82
CA ARG A 31 3.66 0.19 4.31
C ARG A 31 3.20 -1.26 4.13
N SER A 32 2.09 -1.60 4.76
CA SER A 32 1.57 -2.96 4.71
C SER A 32 0.13 -2.96 4.21
N LEU A 33 -0.44 -4.15 3.99
CA LEU A 33 -1.78 -4.28 3.46
C LEU A 33 -2.84 -4.01 4.52
N SER A 34 -2.39 -3.55 5.69
CA SER A 34 -3.30 -3.20 6.77
C SER A 34 -3.89 -1.82 6.53
N GLY A 35 -3.30 -1.07 5.60
CA GLY A 35 -3.78 0.26 5.31
C GLY A 35 -3.86 0.56 3.83
N CYS A 36 -3.73 -0.48 2.99
CA CYS A 36 -3.83 -0.33 1.55
C CYS A 36 -5.26 0.06 1.13
N PRO A 37 -5.42 1.25 0.54
CA PRO A 37 -6.73 1.71 0.07
C PRO A 37 -7.10 1.08 -1.28
N ARG A 38 -6.16 0.32 -1.83
CA ARG A 38 -6.35 -0.30 -3.13
C ARG A 38 -5.89 -1.75 -3.10
N ALA A 39 -6.29 -2.45 -2.05
CA ALA A 39 -5.92 -3.86 -1.88
C ALA A 39 -6.43 -4.70 -3.05
N LYS A 40 -5.68 -5.73 -3.40
CA LYS A 40 -6.04 -6.62 -4.49
C LYS A 40 -7.18 -7.56 -4.08
N LYS A 41 -8.17 -7.00 -3.41
CA LYS A 41 -9.31 -7.76 -2.93
C LYS A 41 -10.59 -6.95 -3.13
N SER A 42 -11.17 -7.06 -4.32
CA SER A 42 -12.39 -6.33 -4.69
C SER A 42 -12.11 -4.82 -4.86
N GLY A 43 -11.68 -4.16 -3.80
CA GLY A 43 -11.41 -2.74 -3.85
C GLY A 43 -10.03 -2.41 -4.39
N LEU A 44 -9.64 -3.09 -5.45
CA LEU A 44 -8.34 -2.85 -6.08
C LEU A 44 -8.39 -1.54 -6.88
N ARG A 45 -9.57 -1.25 -7.41
CA ARG A 45 -9.80 -0.01 -8.13
C ARG A 45 -11.16 0.55 -7.76
N VAL A 46 -11.20 1.34 -6.71
CA VAL A 46 -12.44 1.95 -6.25
C VAL A 46 -12.48 3.42 -6.62
N GLY A 1 11.82 10.19 -4.51
CA GLY A 1 10.96 10.84 -5.53
C GLY A 1 9.84 11.63 -4.89
N SER A 2 9.73 12.90 -5.27
CA SER A 2 8.70 13.77 -4.71
C SER A 2 7.33 13.39 -5.24
N MET A 3 7.29 12.86 -6.46
CA MET A 3 6.05 12.39 -7.05
C MET A 3 5.94 10.88 -6.89
N ALA A 4 5.65 10.44 -5.67
CA ALA A 4 5.56 9.03 -5.35
C ALA A 4 4.61 8.83 -4.18
N ALA A 5 4.94 7.89 -3.29
CA ALA A 5 4.19 7.72 -2.06
C ALA A 5 4.59 8.78 -1.06
N HIS A 6 4.02 9.97 -1.27
CA HIS A 6 4.43 11.18 -0.55
C HIS A 6 5.90 11.48 -0.81
N SER A 7 6.75 11.21 0.17
CA SER A 7 8.18 11.43 0.02
C SER A 7 8.96 10.21 0.51
N ALA A 8 8.28 9.07 0.58
CA ALA A 8 8.88 7.85 1.11
C ALA A 8 9.01 6.79 0.03
N ASP A 9 7.87 6.41 -0.55
CA ASP A 9 7.80 5.38 -1.59
C ASP A 9 8.50 4.10 -1.17
N LEU A 10 8.02 3.51 -0.09
CA LEU A 10 8.57 2.25 0.41
C LEU A 10 7.98 1.09 -0.37
N LYS A 11 6.87 1.35 -1.05
CA LYS A 11 6.16 0.36 -1.85
C LYS A 11 5.54 -0.73 -0.98
N CYS A 12 4.23 -0.69 -0.87
CA CYS A 12 3.50 -1.65 -0.07
C CYS A 12 3.23 -2.93 -0.88
N PRO A 13 2.48 -3.91 -0.35
CA PRO A 13 2.27 -5.19 -1.04
C PRO A 13 1.42 -5.08 -2.30
N THR A 14 0.52 -4.10 -2.31
CA THR A 14 -0.42 -3.96 -3.41
C THR A 14 0.21 -3.28 -4.63
N PRO A 15 0.20 -3.97 -5.79
CA PRO A 15 0.78 -3.45 -7.04
C PRO A 15 0.04 -2.24 -7.58
N GLY A 16 -1.28 -2.28 -7.51
CA GLY A 16 -2.09 -1.18 -8.02
C GLY A 16 -2.16 -0.02 -7.05
N CYS A 17 -1.59 -0.20 -5.88
CA CYS A 17 -1.52 0.84 -4.88
C CYS A 17 -0.27 1.71 -5.10
N ASP A 18 0.07 2.50 -4.11
CA ASP A 18 1.20 3.40 -4.21
C ASP A 18 1.93 3.53 -2.87
N GLY A 19 1.17 3.51 -1.78
CA GLY A 19 1.76 3.62 -0.46
C GLY A 19 1.18 4.78 0.34
N SER A 20 0.41 5.63 -0.31
CA SER A 20 -0.20 6.77 0.35
C SER A 20 -1.70 6.56 0.54
N GLY A 21 -2.24 7.15 1.60
CA GLY A 21 -3.65 7.03 1.89
C GLY A 21 -3.95 5.82 2.74
N HIS A 22 -5.22 5.62 3.04
CA HIS A 22 -5.68 4.46 3.81
C HIS A 22 -7.12 4.14 3.45
N ILE A 23 -7.50 2.88 3.55
CA ILE A 23 -8.90 2.50 3.40
C ILE A 23 -9.68 3.01 4.61
N THR A 24 -8.99 3.09 5.74
CA THR A 24 -9.55 3.65 6.95
C THR A 24 -9.66 5.19 6.85
N GLY A 25 -8.99 5.75 5.85
CA GLY A 25 -9.12 7.17 5.53
C GLY A 25 -8.65 8.11 6.63
N ASN A 26 -7.98 7.57 7.64
CA ASN A 26 -7.60 8.36 8.80
C ASN A 26 -6.11 8.65 8.84
N TYR A 27 -5.43 8.40 7.71
CA TYR A 27 -4.00 8.65 7.62
C TYR A 27 -3.64 9.22 6.26
N ALA A 28 -2.38 9.57 6.08
CA ALA A 28 -1.90 10.12 4.82
C ALA A 28 -1.10 9.08 4.03
N SER A 29 -0.56 8.09 4.73
CA SER A 29 0.24 7.05 4.09
C SER A 29 0.27 5.79 4.95
N HIS A 30 0.71 4.69 4.36
CA HIS A 30 0.81 3.42 5.08
C HIS A 30 2.11 2.71 4.78
N ARG A 31 2.13 1.40 4.98
CA ARG A 31 3.32 0.60 4.75
C ARG A 31 2.96 -0.81 4.26
N SER A 32 1.80 -1.29 4.66
CA SER A 32 1.39 -2.65 4.32
C SER A 32 -0.06 -2.71 3.84
N LEU A 33 -0.59 -3.92 3.70
CA LEU A 33 -1.94 -4.13 3.19
C LEU A 33 -2.98 -3.79 4.23
N SER A 34 -2.53 -3.49 5.43
CA SER A 34 -3.41 -3.07 6.51
C SER A 34 -3.78 -1.60 6.33
N GLY A 35 -3.12 -0.95 5.38
CA GLY A 35 -3.37 0.44 5.12
C GLY A 35 -3.72 0.73 3.67
N CYS A 36 -3.45 -0.24 2.80
CA CYS A 36 -3.72 -0.09 1.37
C CYS A 36 -5.20 0.24 1.11
N PRO A 37 -5.50 1.45 0.62
CA PRO A 37 -6.86 1.83 0.27
C PRO A 37 -7.30 1.14 -1.02
N ARG A 38 -6.32 0.71 -1.80
CA ARG A 38 -6.58 -0.08 -3.00
C ARG A 38 -6.20 -1.53 -2.75
N ALA A 39 -6.42 -1.97 -1.50
CA ALA A 39 -5.99 -3.28 -1.02
C ALA A 39 -6.20 -4.39 -2.05
N LYS A 40 -5.14 -5.15 -2.29
CA LYS A 40 -5.20 -6.28 -3.19
C LYS A 40 -5.99 -7.42 -2.54
N LYS A 41 -7.22 -7.58 -2.97
CA LYS A 41 -8.12 -8.60 -2.42
C LYS A 41 -9.05 -9.08 -3.51
N SER A 42 -9.67 -8.14 -4.20
CA SER A 42 -10.51 -8.46 -5.35
C SER A 42 -9.75 -8.14 -6.64
N GLY A 43 -8.44 -8.30 -6.57
CA GLY A 43 -7.58 -7.92 -7.66
C GLY A 43 -6.32 -7.26 -7.14
N LEU A 44 -5.28 -7.23 -7.96
CA LEU A 44 -4.00 -6.66 -7.52
C LEU A 44 -4.01 -5.14 -7.70
N ARG A 45 -5.12 -4.61 -8.15
CA ARG A 45 -5.29 -3.18 -8.32
C ARG A 45 -6.74 -2.78 -8.12
N VAL A 46 -6.98 -1.51 -7.86
CA VAL A 46 -8.32 -1.00 -7.69
C VAL A 46 -8.48 0.29 -8.48
N GLY A 1 22.32 -7.61 12.04
CA GLY A 1 22.27 -6.55 11.02
C GLY A 1 20.86 -6.04 10.80
N SER A 2 20.73 -4.98 10.03
CA SER A 2 19.43 -4.40 9.75
C SER A 2 19.16 -4.41 8.25
N MET A 3 18.33 -5.34 7.82
CA MET A 3 18.03 -5.51 6.40
C MET A 3 16.96 -4.51 5.97
N ALA A 4 16.95 -4.18 4.68
CA ALA A 4 16.02 -3.21 4.11
C ALA A 4 16.08 -1.89 4.86
N ALA A 5 14.93 -1.34 5.20
CA ALA A 5 14.87 -0.10 5.97
C ALA A 5 13.90 -0.24 7.12
N HIS A 6 14.16 0.47 8.19
CA HIS A 6 13.28 0.45 9.35
C HIS A 6 11.99 1.19 9.01
N SER A 7 12.13 2.39 8.49
CA SER A 7 10.99 3.17 8.05
C SER A 7 10.82 3.02 6.54
N ALA A 8 10.63 1.79 6.10
CA ALA A 8 10.52 1.49 4.67
C ALA A 8 9.13 1.80 4.15
N ASP A 9 8.69 3.02 4.41
CA ASP A 9 7.39 3.51 3.94
C ASP A 9 7.55 4.18 2.58
N LEU A 10 8.12 3.45 1.64
CA LEU A 10 8.22 3.93 0.27
C LEU A 10 6.97 3.52 -0.47
N LYS A 11 6.53 2.29 -0.20
CA LYS A 11 5.27 1.78 -0.68
C LYS A 11 5.00 0.41 -0.07
N CYS A 12 3.79 -0.05 -0.24
CA CYS A 12 3.32 -1.28 0.38
C CYS A 12 3.51 -2.49 -0.55
N PRO A 13 3.08 -3.70 -0.13
CA PRO A 13 3.18 -4.90 -0.98
C PRO A 13 2.19 -4.88 -2.14
N THR A 14 1.15 -4.07 -2.00
CA THR A 14 0.08 -3.99 -3.01
C THR A 14 0.56 -3.27 -4.28
N PRO A 15 0.54 -3.97 -5.42
CA PRO A 15 1.00 -3.43 -6.71
C PRO A 15 0.09 -2.32 -7.24
N GLY A 16 -1.18 -2.41 -6.88
CA GLY A 16 -2.15 -1.46 -7.39
C GLY A 16 -2.20 -0.18 -6.57
N CYS A 17 -1.50 -0.19 -5.45
CA CYS A 17 -1.42 0.99 -4.59
C CYS A 17 -0.37 1.97 -5.10
N ASP A 18 -0.33 3.12 -4.48
CA ASP A 18 0.73 4.09 -4.70
C ASP A 18 1.54 4.26 -3.41
N GLY A 19 1.04 3.68 -2.33
CA GLY A 19 1.72 3.74 -1.06
C GLY A 19 1.09 4.73 -0.10
N SER A 20 0.37 5.70 -0.63
CA SER A 20 -0.25 6.72 0.19
C SER A 20 -1.74 6.47 0.38
N GLY A 21 -2.26 6.91 1.52
CA GLY A 21 -3.68 6.80 1.78
C GLY A 21 -4.04 5.54 2.54
N HIS A 22 -5.26 5.51 3.05
CA HIS A 22 -5.82 4.36 3.76
C HIS A 22 -7.30 4.22 3.45
N ILE A 23 -7.83 3.03 3.69
CA ILE A 23 -9.26 2.80 3.58
C ILE A 23 -9.98 3.56 4.70
N THR A 24 -9.34 3.60 5.87
CA THR A 24 -9.87 4.31 7.02
C THR A 24 -9.86 5.83 6.80
N GLY A 25 -9.05 6.28 5.84
CA GLY A 25 -8.96 7.70 5.54
C GLY A 25 -8.46 8.49 6.75
N ASN A 26 -7.61 7.85 7.54
CA ASN A 26 -7.17 8.42 8.80
C ASN A 26 -5.65 8.47 8.87
N TYR A 27 -5.00 8.20 7.74
CA TYR A 27 -3.56 8.19 7.66
C TYR A 27 -3.11 8.94 6.43
N ALA A 28 -1.81 9.16 6.32
CA ALA A 28 -1.25 9.82 5.15
C ALA A 28 -0.71 8.81 4.16
N SER A 29 -0.14 7.73 4.68
CA SER A 29 0.44 6.69 3.84
C SER A 29 0.57 5.38 4.60
N HIS A 30 1.05 4.36 3.91
CA HIS A 30 1.23 3.04 4.50
C HIS A 30 2.29 2.25 3.71
N ARG A 31 2.76 1.16 4.30
CA ARG A 31 3.71 0.30 3.60
C ARG A 31 3.37 -1.17 3.84
N SER A 32 2.16 -1.42 4.30
CA SER A 32 1.70 -2.78 4.53
C SER A 32 0.23 -2.92 4.15
N LEU A 33 -0.21 -4.15 3.92
CA LEU A 33 -1.57 -4.42 3.48
C LEU A 33 -2.57 -4.35 4.62
N SER A 34 -2.32 -3.47 5.57
CA SER A 34 -3.22 -3.29 6.71
C SER A 34 -4.19 -2.14 6.44
N GLY A 35 -3.80 -1.25 5.54
CA GLY A 35 -4.62 -0.09 5.26
C GLY A 35 -4.66 0.27 3.80
N CYS A 36 -4.48 -0.73 2.94
CA CYS A 36 -4.51 -0.52 1.50
C CYS A 36 -5.88 -0.01 1.04
N PRO A 37 -5.92 1.23 0.50
CA PRO A 37 -7.14 1.79 -0.06
C PRO A 37 -7.44 1.24 -1.44
N ARG A 38 -6.48 0.49 -1.98
CA ARG A 38 -6.65 -0.16 -3.26
C ARG A 38 -6.31 -1.64 -3.14
N ALA A 39 -6.76 -2.24 -2.04
CA ALA A 39 -6.52 -3.66 -1.79
C ALA A 39 -7.09 -4.50 -2.92
N LYS A 40 -6.40 -5.58 -3.25
CA LYS A 40 -6.77 -6.43 -4.38
C LYS A 40 -8.21 -6.90 -4.29
N LYS A 41 -9.08 -6.22 -5.02
CA LYS A 41 -10.48 -6.58 -5.09
C LYS A 41 -10.69 -7.55 -6.25
N SER A 42 -11.95 -7.82 -6.59
CA SER A 42 -12.25 -8.66 -7.74
C SER A 42 -11.73 -8.02 -9.01
N GLY A 43 -11.91 -6.70 -9.10
CA GLY A 43 -11.35 -5.96 -10.20
C GLY A 43 -10.28 -4.98 -9.74
N LEU A 44 -9.08 -5.50 -9.48
CA LEU A 44 -7.97 -4.67 -9.00
C LEU A 44 -7.69 -3.54 -9.99
N ARG A 45 -7.82 -3.84 -11.26
CA ARG A 45 -7.75 -2.82 -12.29
C ARG A 45 -9.10 -2.70 -12.96
N VAL A 46 -9.39 -1.54 -13.52
CA VAL A 46 -10.65 -1.32 -14.20
C VAL A 46 -10.59 -1.85 -15.62
N GLY A 1 22.68 6.03 -5.80
CA GLY A 1 22.34 6.65 -4.50
C GLY A 1 21.26 5.89 -3.77
N SER A 2 20.44 6.61 -3.02
CA SER A 2 19.35 6.00 -2.28
C SER A 2 18.06 5.97 -3.11
N MET A 3 17.82 4.84 -3.78
CA MET A 3 16.63 4.63 -4.59
C MET A 3 16.65 5.49 -5.86
N ALA A 4 16.12 6.72 -5.75
CA ALA A 4 15.98 7.63 -6.88
C ALA A 4 15.01 7.07 -7.92
N ALA A 5 15.53 6.26 -8.83
CA ALA A 5 14.70 5.55 -9.78
C ALA A 5 14.83 4.06 -9.56
N HIS A 6 14.15 3.56 -8.54
CA HIS A 6 14.23 2.15 -8.18
C HIS A 6 12.90 1.68 -7.57
N SER A 7 12.15 0.91 -8.34
CA SER A 7 10.86 0.40 -7.89
C SER A 7 11.05 -0.85 -7.03
N ALA A 8 11.27 -0.64 -5.74
CA ALA A 8 11.50 -1.74 -4.81
C ALA A 8 10.36 -1.86 -3.81
N ASP A 9 10.66 -2.37 -2.62
CA ASP A 9 9.66 -2.50 -1.56
C ASP A 9 9.87 -1.43 -0.50
N LEU A 10 9.62 -0.19 -0.88
CA LEU A 10 9.69 0.93 0.04
C LEU A 10 8.29 1.25 0.53
N LYS A 11 7.33 0.99 -0.34
CA LYS A 11 5.93 1.15 0.00
C LYS A 11 5.32 -0.22 0.34
N CYS A 12 4.03 -0.35 0.15
CA CYS A 12 3.31 -1.56 0.49
C CYS A 12 3.46 -2.65 -0.58
N PRO A 13 2.98 -3.87 -0.30
CA PRO A 13 3.10 -5.01 -1.22
C PRO A 13 2.12 -4.92 -2.40
N THR A 14 0.96 -4.31 -2.15
CA THR A 14 -0.11 -4.23 -3.16
C THR A 14 0.36 -3.53 -4.44
N PRO A 15 0.28 -4.23 -5.58
CA PRO A 15 0.73 -3.71 -6.88
C PRO A 15 -0.15 -2.57 -7.41
N GLY A 16 -1.45 -2.68 -7.17
CA GLY A 16 -2.38 -1.68 -7.67
C GLY A 16 -2.51 -0.49 -6.74
N CYS A 17 -1.81 -0.53 -5.62
CA CYS A 17 -1.83 0.55 -4.65
C CYS A 17 -0.62 1.45 -4.84
N ASP A 18 -0.72 2.68 -4.36
CA ASP A 18 0.36 3.65 -4.50
C ASP A 18 1.14 3.78 -3.19
N GLY A 19 0.56 3.28 -2.11
CA GLY A 19 1.25 3.29 -0.83
C GLY A 19 0.85 4.45 0.06
N SER A 20 0.00 5.33 -0.44
CA SER A 20 -0.44 6.48 0.34
C SER A 20 -1.92 6.38 0.68
N GLY A 21 -2.32 7.07 1.74
CA GLY A 21 -3.71 7.08 2.16
C GLY A 21 -4.12 5.79 2.82
N HIS A 22 -5.36 5.73 3.24
CA HIS A 22 -5.94 4.52 3.83
C HIS A 22 -7.39 4.39 3.40
N ILE A 23 -7.92 3.19 3.47
CA ILE A 23 -9.35 2.99 3.22
C ILE A 23 -10.14 3.63 4.36
N THR A 24 -9.53 3.60 5.54
CA THR A 24 -10.11 4.23 6.72
C THR A 24 -9.98 5.76 6.64
N GLY A 25 -9.04 6.24 5.82
CA GLY A 25 -8.91 7.67 5.57
C GLY A 25 -8.16 8.43 6.64
N ASN A 26 -8.01 7.83 7.82
CA ASN A 26 -7.44 8.51 8.97
C ASN A 26 -5.91 8.60 8.91
N TYR A 27 -5.32 8.04 7.88
CA TYR A 27 -3.87 8.04 7.74
C TYR A 27 -3.46 8.65 6.41
N ALA A 28 -2.27 9.22 6.37
CA ALA A 28 -1.78 9.90 5.18
C ALA A 28 -1.06 8.94 4.24
N SER A 29 -0.45 7.90 4.79
CA SER A 29 0.29 6.94 3.99
C SER A 29 0.54 5.65 4.78
N HIS A 30 1.09 4.65 4.11
CA HIS A 30 1.39 3.38 4.75
C HIS A 30 2.55 2.70 4.02
N ARG A 31 2.84 1.45 4.37
CA ARG A 31 3.96 0.74 3.76
C ARG A 31 3.77 -0.78 3.84
N SER A 32 2.57 -1.21 4.18
CA SER A 32 2.27 -2.63 4.28
C SER A 32 0.83 -2.92 3.90
N LEU A 33 0.51 -4.20 3.65
CA LEU A 33 -0.82 -4.59 3.25
C LEU A 33 -1.75 -4.63 4.46
N SER A 34 -2.10 -3.45 4.94
CA SER A 34 -3.00 -3.32 6.07
C SER A 34 -4.04 -2.25 5.79
N GLY A 35 -3.56 -1.05 5.47
CA GLY A 35 -4.46 0.06 5.20
C GLY A 35 -4.37 0.54 3.77
N CYS A 36 -4.26 -0.40 2.84
CA CYS A 36 -4.26 -0.07 1.43
C CYS A 36 -5.64 0.41 1.01
N PRO A 37 -5.76 1.67 0.54
CA PRO A 37 -7.01 2.19 0.01
C PRO A 37 -7.26 1.63 -1.39
N ARG A 38 -6.21 1.05 -1.94
CA ARG A 38 -6.27 0.38 -3.23
C ARG A 38 -6.04 -1.11 -3.04
N ALA A 39 -6.45 -1.62 -1.88
CA ALA A 39 -6.26 -3.02 -1.54
C ALA A 39 -6.83 -3.93 -2.62
N LYS A 40 -6.01 -4.86 -3.06
CA LYS A 40 -6.38 -5.78 -4.14
C LYS A 40 -7.70 -6.47 -3.84
N LYS A 41 -8.70 -6.19 -4.66
CA LYS A 41 -10.03 -6.75 -4.48
C LYS A 41 -10.40 -7.57 -5.70
N SER A 42 -10.67 -6.88 -6.79
CA SER A 42 -11.04 -7.52 -8.04
C SER A 42 -9.80 -7.79 -8.89
N GLY A 43 -8.72 -7.08 -8.59
CA GLY A 43 -7.51 -7.25 -9.34
C GLY A 43 -6.27 -7.18 -8.47
N LEU A 44 -5.79 -8.33 -8.02
CA LEU A 44 -4.55 -8.38 -7.25
C LEU A 44 -3.37 -8.32 -8.20
N ARG A 45 -3.38 -9.21 -9.18
CA ARG A 45 -2.44 -9.16 -10.27
C ARG A 45 -3.19 -9.08 -11.59
N VAL A 46 -2.80 -8.15 -12.45
CA VAL A 46 -3.49 -7.96 -13.72
C VAL A 46 -3.32 -9.18 -14.62
N GLY A 1 17.24 11.74 -0.50
CA GLY A 1 18.71 11.88 -0.39
C GLY A 1 19.26 11.14 0.82
N SER A 2 20.24 11.74 1.49
CA SER A 2 20.85 11.14 2.66
C SER A 2 19.90 11.20 3.85
N MET A 3 19.17 10.12 4.06
CA MET A 3 18.18 10.06 5.13
C MET A 3 18.62 9.07 6.20
N ALA A 4 18.77 9.55 7.42
CA ALA A 4 19.17 8.71 8.54
C ALA A 4 17.96 7.95 9.09
N ALA A 5 17.29 7.24 8.21
CA ALA A 5 16.10 6.47 8.58
C ALA A 5 15.88 5.35 7.59
N HIS A 6 15.38 4.24 8.10
CA HIS A 6 15.09 3.08 7.26
C HIS A 6 13.81 3.28 6.49
N SER A 7 13.94 3.70 5.23
CA SER A 7 12.79 4.02 4.40
C SER A 7 12.04 2.76 4.01
N ALA A 8 11.04 2.40 4.82
CA ALA A 8 10.21 1.24 4.54
C ALA A 8 8.85 1.67 4.01
N ASP A 9 8.46 2.90 4.38
CA ASP A 9 7.21 3.49 3.92
C ASP A 9 7.39 4.12 2.54
N LEU A 10 8.09 3.42 1.68
CA LEU A 10 8.29 3.88 0.31
C LEU A 10 7.08 3.50 -0.53
N LYS A 11 6.52 2.31 -0.25
CA LYS A 11 5.30 1.85 -0.86
C LYS A 11 4.98 0.45 -0.32
N CYS A 12 3.71 0.08 -0.38
CA CYS A 12 3.21 -1.12 0.27
C CYS A 12 3.37 -2.38 -0.61
N PRO A 13 3.05 -3.57 -0.05
CA PRO A 13 3.12 -4.85 -0.78
C PRO A 13 2.22 -4.89 -2.01
N THR A 14 1.13 -4.13 -1.99
CA THR A 14 0.17 -4.12 -3.08
C THR A 14 0.70 -3.35 -4.29
N PRO A 15 0.78 -4.02 -5.46
CA PRO A 15 1.35 -3.42 -6.68
C PRO A 15 0.44 -2.35 -7.28
N GLY A 16 -0.87 -2.55 -7.17
CA GLY A 16 -1.82 -1.61 -7.73
C GLY A 16 -1.99 -0.40 -6.85
N CYS A 17 -2.04 -0.65 -5.55
CA CYS A 17 -2.10 0.42 -4.56
C CYS A 17 -0.73 1.12 -4.51
N ASP A 18 -0.76 2.44 -4.41
CA ASP A 18 0.48 3.21 -4.48
C ASP A 18 1.18 3.25 -3.12
N GLY A 19 0.39 3.30 -2.06
CA GLY A 19 0.95 3.32 -0.72
C GLY A 19 0.54 4.55 0.07
N SER A 20 -0.03 5.53 -0.63
CA SER A 20 -0.50 6.74 0.03
C SER A 20 -1.99 6.63 0.35
N GLY A 21 -2.36 7.06 1.55
CA GLY A 21 -3.75 7.00 1.96
C GLY A 21 -4.05 5.75 2.75
N HIS A 22 -5.32 5.56 3.09
CA HIS A 22 -5.78 4.40 3.84
C HIS A 22 -7.25 4.13 3.52
N ILE A 23 -7.72 2.95 3.88
CA ILE A 23 -9.14 2.65 3.76
C ILE A 23 -9.91 3.39 4.85
N THR A 24 -9.27 3.56 6.00
CA THR A 24 -9.85 4.32 7.09
C THR A 24 -9.74 5.83 6.83
N GLY A 25 -8.84 6.20 5.93
CA GLY A 25 -8.71 7.58 5.50
C GLY A 25 -8.23 8.52 6.62
N ASN A 26 -7.65 7.95 7.67
CA ASN A 26 -7.24 8.73 8.84
C ASN A 26 -5.72 8.88 8.90
N TYR A 27 -5.03 8.52 7.82
CA TYR A 27 -3.58 8.56 7.82
C TYR A 27 -3.05 9.27 6.58
N ALA A 28 -1.74 9.32 6.45
CA ALA A 28 -1.10 9.93 5.31
C ALA A 28 -0.67 8.86 4.30
N SER A 29 -0.07 7.79 4.81
CA SER A 29 0.39 6.71 3.96
C SER A 29 0.56 5.42 4.77
N HIS A 30 0.93 4.36 4.07
CA HIS A 30 1.15 3.06 4.70
C HIS A 30 2.24 2.30 3.94
N ARG A 31 2.71 1.19 4.50
CA ARG A 31 3.73 0.38 3.84
C ARG A 31 3.40 -1.10 3.95
N SER A 32 2.22 -1.40 4.48
CA SER A 32 1.78 -2.77 4.64
C SER A 32 0.37 -2.94 4.10
N LEU A 33 -0.06 -4.19 3.93
CA LEU A 33 -1.37 -4.49 3.35
C LEU A 33 -2.50 -4.29 4.37
N SER A 34 -2.21 -3.59 5.46
CA SER A 34 -3.19 -3.38 6.51
C SER A 34 -3.95 -2.07 6.30
N GLY A 35 -3.50 -1.26 5.34
CA GLY A 35 -4.13 0.03 5.12
C GLY A 35 -4.29 0.38 3.66
N CYS A 36 -4.26 -0.63 2.80
CA CYS A 36 -4.38 -0.43 1.36
C CYS A 36 -5.80 0.00 0.96
N PRO A 37 -5.96 1.24 0.49
CA PRO A 37 -7.25 1.77 0.08
C PRO A 37 -7.63 1.32 -1.34
N ARG A 38 -6.65 0.86 -2.11
CA ARG A 38 -6.90 0.37 -3.44
C ARG A 38 -6.33 -1.04 -3.61
N ALA A 39 -6.60 -1.89 -2.63
CA ALA A 39 -6.09 -3.24 -2.61
C ALA A 39 -6.62 -4.05 -3.80
N LYS A 40 -5.70 -4.40 -4.71
CA LYS A 40 -6.02 -5.17 -5.91
C LYS A 40 -7.25 -4.58 -6.63
N LYS A 41 -8.18 -5.45 -7.01
CA LYS A 41 -9.40 -5.00 -7.66
C LYS A 41 -10.61 -5.56 -6.90
N SER A 42 -11.62 -6.01 -7.62
CA SER A 42 -12.79 -6.62 -6.98
C SER A 42 -12.48 -8.07 -6.58
N GLY A 43 -11.53 -8.21 -5.67
CA GLY A 43 -11.09 -9.51 -5.23
C GLY A 43 -9.71 -9.46 -4.62
N LEU A 44 -9.64 -9.27 -3.32
CA LEU A 44 -8.36 -9.12 -2.64
C LEU A 44 -7.79 -10.48 -2.24
N ARG A 45 -8.58 -11.52 -2.44
CA ARG A 45 -8.15 -12.87 -2.14
C ARG A 45 -8.25 -13.75 -3.38
N VAL A 46 -8.14 -13.12 -4.54
CA VAL A 46 -8.22 -13.84 -5.80
C VAL A 46 -6.85 -14.38 -6.20
N GLY A 1 25.60 -1.30 0.37
CA GLY A 1 24.66 -2.19 1.07
C GLY A 1 23.32 -2.25 0.37
N SER A 2 22.39 -3.01 0.93
CA SER A 2 21.06 -3.13 0.37
C SER A 2 20.17 -2.00 0.84
N MET A 3 20.21 -0.89 0.13
CA MET A 3 19.41 0.27 0.47
C MET A 3 17.97 0.05 0.08
N ALA A 4 17.05 0.35 0.99
CA ALA A 4 15.63 0.20 0.74
C ALA A 4 15.14 1.34 -0.16
N ALA A 5 15.44 1.21 -1.44
CA ALA A 5 15.16 2.28 -2.40
C ALA A 5 14.20 1.84 -3.49
N HIS A 6 13.96 0.53 -3.58
CA HIS A 6 13.08 -0.01 -4.60
C HIS A 6 12.04 -0.91 -3.95
N SER A 7 10.81 -0.44 -3.89
CA SER A 7 9.72 -1.13 -3.20
C SER A 7 9.98 -1.16 -1.70
N ALA A 8 10.59 -2.25 -1.22
CA ALA A 8 11.00 -2.36 0.18
C ALA A 8 9.94 -1.87 1.16
N ASP A 9 10.17 -0.70 1.75
CA ASP A 9 9.21 -0.13 2.71
C ASP A 9 8.72 1.23 2.25
N LEU A 10 8.88 1.45 0.96
CA LEU A 10 8.34 2.64 0.30
C LEU A 10 7.06 2.27 -0.42
N LYS A 11 7.09 1.12 -1.07
CA LYS A 11 5.95 0.61 -1.76
C LYS A 11 5.43 -0.63 -1.06
N CYS A 12 4.18 -0.56 -0.68
CA CYS A 12 3.50 -1.64 0.01
C CYS A 12 3.33 -2.86 -0.89
N PRO A 13 2.85 -3.99 -0.32
CA PRO A 13 2.68 -5.25 -1.09
C PRO A 13 1.75 -5.10 -2.29
N THR A 14 0.76 -4.23 -2.17
CA THR A 14 -0.26 -4.07 -3.21
C THR A 14 0.26 -3.27 -4.42
N PRO A 15 0.35 -3.93 -5.58
CA PRO A 15 0.86 -3.30 -6.82
C PRO A 15 -0.07 -2.21 -7.35
N GLY A 16 -1.36 -2.37 -7.09
CA GLY A 16 -2.34 -1.39 -7.54
C GLY A 16 -2.43 -0.20 -6.60
N CYS A 17 -1.58 -0.21 -5.59
CA CYS A 17 -1.56 0.85 -4.61
C CYS A 17 -0.33 1.73 -4.82
N ASP A 18 -0.24 2.81 -4.05
CA ASP A 18 0.89 3.72 -4.16
C ASP A 18 1.60 3.88 -2.81
N GLY A 19 0.92 3.50 -1.74
CA GLY A 19 1.53 3.56 -0.42
C GLY A 19 1.06 4.74 0.41
N SER A 20 0.23 5.59 -0.18
CA SER A 20 -0.30 6.73 0.52
C SER A 20 -1.80 6.57 0.78
N GLY A 21 -2.26 7.08 1.91
CA GLY A 21 -3.65 6.97 2.25
C GLY A 21 -3.96 5.71 3.03
N HIS A 22 -5.23 5.48 3.29
CA HIS A 22 -5.71 4.29 3.98
C HIS A 22 -7.14 4.00 3.53
N ILE A 23 -7.58 2.76 3.73
CA ILE A 23 -8.97 2.41 3.47
C ILE A 23 -9.87 3.09 4.51
N THR A 24 -9.32 3.31 5.70
CA THR A 24 -10.04 3.95 6.78
C THR A 24 -10.15 5.47 6.58
N GLY A 25 -9.36 6.00 5.65
CA GLY A 25 -9.42 7.41 5.32
C GLY A 25 -9.07 8.30 6.51
N ASN A 26 -8.00 7.96 7.22
CA ASN A 26 -7.60 8.71 8.41
C ASN A 26 -6.09 8.83 8.52
N TYR A 27 -5.36 8.35 7.53
CA TYR A 27 -3.90 8.39 7.59
C TYR A 27 -3.32 8.97 6.31
N ALA A 28 -2.13 9.52 6.42
CA ALA A 28 -1.45 10.12 5.29
C ALA A 28 -0.82 9.06 4.40
N SER A 29 -0.25 8.02 5.01
CA SER A 29 0.43 6.99 4.25
C SER A 29 0.55 5.69 5.04
N HIS A 30 1.08 4.66 4.39
CA HIS A 30 1.28 3.35 5.00
C HIS A 30 2.42 2.63 4.28
N ARG A 31 2.54 1.32 4.51
CA ARG A 31 3.56 0.52 3.84
C ARG A 31 3.18 -0.96 3.87
N SER A 32 1.91 -1.24 4.18
CA SER A 32 1.42 -2.60 4.25
C SER A 32 -0.02 -2.67 3.76
N LEU A 33 -0.55 -3.89 3.66
CA LEU A 33 -1.91 -4.10 3.19
C LEU A 33 -2.93 -3.72 4.25
N SER A 34 -2.44 -3.41 5.44
CA SER A 34 -3.29 -2.96 6.53
C SER A 34 -3.66 -1.51 6.35
N GLY A 35 -3.07 -0.88 5.34
CA GLY A 35 -3.34 0.51 5.05
C GLY A 35 -3.72 0.74 3.61
N CYS A 36 -3.50 -0.26 2.76
CA CYS A 36 -3.77 -0.14 1.32
C CYS A 36 -5.25 0.14 1.04
N PRO A 37 -5.56 1.35 0.57
CA PRO A 37 -6.92 1.71 0.18
C PRO A 37 -7.34 1.02 -1.10
N ARG A 38 -6.36 0.55 -1.87
CA ARG A 38 -6.61 -0.13 -3.13
C ARG A 38 -6.24 -1.61 -3.00
N ALA A 39 -6.55 -2.20 -1.86
CA ALA A 39 -6.22 -3.59 -1.57
C ALA A 39 -6.66 -4.52 -2.71
N LYS A 40 -5.75 -5.40 -3.10
CA LYS A 40 -6.03 -6.36 -4.17
C LYS A 40 -6.66 -7.62 -3.59
N LYS A 41 -7.36 -8.36 -4.41
CA LYS A 41 -7.97 -9.61 -3.99
C LYS A 41 -7.28 -10.78 -4.68
N SER A 42 -8.03 -11.53 -5.47
CA SER A 42 -7.49 -12.64 -6.22
C SER A 42 -6.80 -12.13 -7.48
N GLY A 43 -5.49 -12.03 -7.43
CA GLY A 43 -4.74 -11.45 -8.53
C GLY A 43 -4.35 -10.02 -8.26
N LEU A 44 -3.06 -9.79 -8.02
CA LEU A 44 -2.55 -8.48 -7.65
C LEU A 44 -2.93 -7.43 -8.70
N ARG A 45 -2.39 -7.60 -9.90
CA ARG A 45 -2.66 -6.70 -11.01
C ARG A 45 -2.54 -7.46 -12.32
N VAL A 46 -3.08 -6.90 -13.39
CA VAL A 46 -3.02 -7.54 -14.69
C VAL A 46 -2.03 -6.80 -15.58
N GLY A 1 21.49 -16.71 3.15
CA GLY A 1 21.84 -16.54 1.72
C GLY A 1 21.09 -15.39 1.09
N SER A 2 20.42 -15.66 -0.02
CA SER A 2 19.67 -14.63 -0.73
C SER A 2 18.17 -14.90 -0.66
N MET A 3 17.72 -15.41 0.49
CA MET A 3 16.30 -15.69 0.69
C MET A 3 15.65 -14.60 1.54
N ALA A 4 16.35 -13.47 1.66
CA ALA A 4 15.84 -12.34 2.40
C ALA A 4 15.20 -11.33 1.45
N ALA A 5 13.89 -11.32 1.42
CA ALA A 5 13.15 -10.42 0.55
C ALA A 5 12.38 -9.40 1.37
N HIS A 6 13.07 -8.71 2.24
CA HIS A 6 12.46 -7.68 3.07
C HIS A 6 13.20 -6.37 2.89
N SER A 7 13.04 -5.44 3.84
CA SER A 7 13.65 -4.11 3.76
C SER A 7 13.04 -3.32 2.59
N ALA A 8 13.46 -2.07 2.44
CA ALA A 8 12.88 -1.17 1.44
C ALA A 8 11.37 -1.11 1.61
N ASP A 9 10.95 -0.95 2.84
CA ASP A 9 9.53 -0.99 3.20
C ASP A 9 8.92 0.40 3.13
N LEU A 10 9.00 0.99 1.95
CA LEU A 10 8.40 2.29 1.71
C LEU A 10 7.08 2.10 1.00
N LYS A 11 7.09 1.20 0.03
CA LYS A 11 5.90 0.87 -0.67
C LYS A 11 5.38 -0.48 -0.24
N CYS A 12 4.12 -0.48 0.10
CA CYS A 12 3.39 -1.66 0.52
C CYS A 12 3.47 -2.78 -0.52
N PRO A 13 3.08 -4.01 -0.16
CA PRO A 13 3.14 -5.17 -1.05
C PRO A 13 2.19 -5.04 -2.26
N THR A 14 1.10 -4.32 -2.08
CA THR A 14 0.07 -4.20 -3.09
C THR A 14 0.56 -3.47 -4.34
N PRO A 15 0.56 -4.16 -5.50
CA PRO A 15 1.05 -3.62 -6.76
C PRO A 15 0.10 -2.58 -7.36
N GLY A 16 -1.20 -2.79 -7.18
CA GLY A 16 -2.19 -1.89 -7.73
C GLY A 16 -2.46 -0.70 -6.84
N CYS A 17 -1.74 -0.62 -5.74
CA CYS A 17 -1.88 0.47 -4.79
C CYS A 17 -1.07 1.68 -5.21
N ASP A 18 -1.02 2.66 -4.34
CA ASP A 18 -0.18 3.84 -4.54
C ASP A 18 0.74 4.05 -3.35
N GLY A 19 0.36 3.45 -2.22
CA GLY A 19 1.22 3.47 -1.04
C GLY A 19 0.90 4.61 -0.09
N SER A 20 -0.11 5.41 -0.42
CA SER A 20 -0.48 6.52 0.43
C SER A 20 -1.90 6.35 0.96
N GLY A 21 -2.19 7.00 2.08
CA GLY A 21 -3.52 6.95 2.67
C GLY A 21 -3.87 5.59 3.23
N HIS A 22 -5.14 5.41 3.55
CA HIS A 22 -5.69 4.15 4.05
C HIS A 22 -7.13 4.01 3.57
N ILE A 23 -7.60 2.76 3.44
CA ILE A 23 -9.00 2.51 3.10
C ILE A 23 -9.87 3.08 4.22
N THR A 24 -9.22 3.17 5.37
CA THR A 24 -9.72 3.87 6.53
C THR A 24 -10.16 5.29 6.20
N GLY A 25 -9.23 6.05 5.66
CA GLY A 25 -9.47 7.47 5.41
C GLY A 25 -8.96 8.33 6.54
N ASN A 26 -8.06 7.76 7.34
CA ASN A 26 -7.57 8.45 8.53
C ASN A 26 -6.04 8.49 8.57
N TYR A 27 -5.40 8.10 7.48
CA TYR A 27 -3.95 8.07 7.43
C TYR A 27 -3.43 8.87 6.26
N ALA A 28 -2.13 9.12 6.25
CA ALA A 28 -1.50 9.84 5.17
C ALA A 28 -0.77 8.88 4.24
N SER A 29 -0.28 7.77 4.79
CA SER A 29 0.45 6.78 4.00
C SER A 29 0.61 5.48 4.77
N HIS A 30 1.16 4.48 4.09
CA HIS A 30 1.42 3.19 4.68
C HIS A 30 2.58 2.52 3.97
N ARG A 31 3.04 1.39 4.50
CA ARG A 31 4.19 0.71 3.95
C ARG A 31 3.96 -0.80 3.88
N SER A 32 2.84 -1.23 4.44
CA SER A 32 2.49 -2.65 4.45
C SER A 32 1.01 -2.84 4.12
N LEU A 33 0.56 -4.09 4.10
CA LEU A 33 -0.84 -4.40 3.84
C LEU A 33 -1.69 -4.16 5.08
N SER A 34 -1.55 -2.98 5.66
CA SER A 34 -2.26 -2.62 6.86
C SER A 34 -3.59 -1.94 6.52
N GLY A 35 -3.59 -1.17 5.43
CA GLY A 35 -4.78 -0.44 5.07
C GLY A 35 -4.69 0.20 3.70
N CYS A 36 -4.37 -0.62 2.70
CA CYS A 36 -4.33 -0.16 1.32
C CYS A 36 -5.70 0.40 0.90
N PRO A 37 -5.79 1.71 0.64
CA PRO A 37 -7.03 2.34 0.21
C PRO A 37 -7.29 2.07 -1.26
N ARG A 38 -6.26 1.59 -1.93
CA ARG A 38 -6.37 1.12 -3.29
C ARG A 38 -6.59 -0.39 -3.26
N ALA A 39 -7.40 -0.80 -2.29
CA ALA A 39 -7.65 -2.21 -2.01
C ALA A 39 -8.05 -2.97 -3.26
N LYS A 40 -7.60 -4.20 -3.34
CA LYS A 40 -7.83 -5.07 -4.48
C LYS A 40 -9.32 -5.16 -4.83
N LYS A 41 -10.15 -5.35 -3.81
CA LYS A 41 -11.59 -5.38 -4.00
C LYS A 41 -12.30 -5.13 -2.67
N SER A 42 -13.08 -6.12 -2.22
CA SER A 42 -13.76 -6.04 -0.93
C SER A 42 -12.77 -6.34 0.20
N GLY A 43 -11.75 -5.52 0.28
CA GLY A 43 -10.66 -5.77 1.19
C GLY A 43 -9.35 -5.88 0.45
N LEU A 44 -8.28 -6.11 1.18
CA LEU A 44 -6.96 -6.20 0.58
C LEU A 44 -6.50 -7.66 0.55
N ARG A 45 -7.25 -8.51 1.22
CA ARG A 45 -6.94 -9.93 1.25
C ARG A 45 -8.21 -10.75 1.12
N VAL A 46 -8.65 -10.95 -0.12
CA VAL A 46 -9.88 -11.68 -0.38
C VAL A 46 -9.63 -12.77 -1.41
N GLY A 1 15.42 -3.75 7.09
CA GLY A 1 15.71 -2.62 6.17
C GLY A 1 14.95 -1.37 6.54
N SER A 2 15.04 -0.35 5.69
CA SER A 2 14.38 0.93 5.95
C SER A 2 12.88 0.83 5.75
N MET A 3 12.47 0.06 4.73
CA MET A 3 11.06 -0.12 4.38
C MET A 3 10.40 1.22 4.08
N ALA A 4 11.15 2.10 3.41
CA ALA A 4 10.66 3.44 3.06
C ALA A 4 11.70 4.22 2.27
N ALA A 5 12.85 3.59 2.02
CA ALA A 5 13.94 4.26 1.32
C ALA A 5 13.76 4.20 -0.19
N HIS A 6 14.79 4.56 -0.94
CA HIS A 6 14.74 4.52 -2.40
C HIS A 6 15.00 3.09 -2.89
N SER A 7 14.20 2.16 -2.40
CA SER A 7 14.34 0.76 -2.74
C SER A 7 13.17 0.30 -3.61
N ALA A 8 13.00 -1.00 -3.74
CA ALA A 8 11.90 -1.56 -4.53
C ALA A 8 10.71 -1.87 -3.64
N ASP A 9 10.89 -1.65 -2.35
CA ASP A 9 9.85 -1.90 -1.36
C ASP A 9 9.79 -0.73 -0.38
N LEU A 10 9.56 0.45 -0.94
CA LEU A 10 9.40 1.66 -0.14
C LEU A 10 7.94 1.81 0.23
N LYS A 11 7.09 1.15 -0.53
CA LYS A 11 5.67 1.19 -0.32
C LYS A 11 5.16 -0.20 0.05
N CYS A 12 3.89 -0.42 -0.15
CA CYS A 12 3.22 -1.62 0.30
C CYS A 12 3.31 -2.75 -0.74
N PRO A 13 2.85 -3.97 -0.37
CA PRO A 13 2.88 -5.13 -1.28
C PRO A 13 1.88 -4.99 -2.44
N THR A 14 0.73 -4.37 -2.18
CA THR A 14 -0.32 -4.23 -3.19
C THR A 14 0.17 -3.51 -4.45
N PRO A 15 0.10 -4.20 -5.60
CA PRO A 15 0.60 -3.67 -6.87
C PRO A 15 -0.12 -2.41 -7.36
N GLY A 16 -1.46 -2.44 -7.27
CA GLY A 16 -2.26 -1.33 -7.76
C GLY A 16 -2.30 -0.16 -6.80
N CYS A 17 -1.91 -0.41 -5.56
CA CYS A 17 -1.86 0.62 -4.55
C CYS A 17 -0.53 1.35 -4.61
N ASP A 18 -0.51 2.60 -4.17
CA ASP A 18 0.70 3.41 -4.26
C ASP A 18 1.39 3.54 -2.90
N GLY A 19 0.66 3.21 -1.84
CA GLY A 19 1.25 3.24 -0.52
C GLY A 19 0.89 4.50 0.27
N SER A 20 0.14 5.39 -0.34
CA SER A 20 -0.31 6.59 0.34
C SER A 20 -1.77 6.47 0.72
N GLY A 21 -2.16 7.16 1.79
CA GLY A 21 -3.52 7.08 2.27
C GLY A 21 -3.79 5.83 3.08
N HIS A 22 -5.05 5.57 3.36
CA HIS A 22 -5.51 4.38 4.05
C HIS A 22 -6.95 4.07 3.66
N ILE A 23 -7.33 2.80 3.79
CA ILE A 23 -8.70 2.40 3.53
C ILE A 23 -9.64 2.98 4.60
N THR A 24 -9.06 3.31 5.75
CA THR A 24 -9.81 3.90 6.84
C THR A 24 -9.98 5.42 6.63
N GLY A 25 -9.24 5.96 5.66
CA GLY A 25 -9.33 7.39 5.34
C GLY A 25 -9.00 8.28 6.53
N ASN A 26 -8.05 7.81 7.35
CA ASN A 26 -7.70 8.52 8.58
C ASN A 26 -6.20 8.79 8.67
N TYR A 27 -5.45 8.37 7.65
CA TYR A 27 -4.00 8.50 7.69
C TYR A 27 -3.48 9.24 6.46
N ALA A 28 -2.17 9.34 6.34
CA ALA A 28 -1.54 10.01 5.22
C ALA A 28 -0.88 9.01 4.28
N SER A 29 -0.31 7.94 4.84
CA SER A 29 0.36 6.92 4.03
C SER A 29 0.58 5.65 4.84
N HIS A 30 1.06 4.61 4.16
CA HIS A 30 1.36 3.33 4.79
C HIS A 30 2.52 2.65 4.06
N ARG A 31 2.74 1.37 4.34
CA ARG A 31 3.83 0.64 3.70
C ARG A 31 3.56 -0.86 3.69
N SER A 32 2.35 -1.24 4.05
CA SER A 32 1.97 -2.64 4.07
C SER A 32 0.47 -2.77 3.81
N LEU A 33 -0.03 -4.00 3.71
CA LEU A 33 -1.45 -4.24 3.42
C LEU A 33 -2.30 -4.04 4.68
N SER A 34 -1.90 -3.10 5.50
CA SER A 34 -2.63 -2.79 6.72
C SER A 34 -3.70 -1.74 6.45
N GLY A 35 -3.44 -0.90 5.45
CA GLY A 35 -4.37 0.17 5.15
C GLY A 35 -4.34 0.56 3.68
N CYS A 36 -4.23 -0.44 2.81
CA CYS A 36 -4.23 -0.20 1.37
C CYS A 36 -5.61 0.26 0.90
N PRO A 37 -5.74 1.53 0.45
CA PRO A 37 -6.99 2.07 -0.06
C PRO A 37 -7.28 1.54 -1.46
N ARG A 38 -6.27 0.96 -2.09
CA ARG A 38 -6.41 0.37 -3.40
C ARG A 38 -6.07 -1.11 -3.36
N ALA A 39 -6.39 -1.75 -2.23
CA ALA A 39 -6.09 -3.16 -2.03
C ALA A 39 -6.82 -4.02 -3.05
N LYS A 40 -6.05 -4.59 -3.97
CA LYS A 40 -6.59 -5.43 -5.05
C LYS A 40 -7.46 -4.61 -6.01
N LYS A 41 -7.77 -5.19 -7.16
CA LYS A 41 -8.60 -4.55 -8.15
C LYS A 41 -10.04 -5.02 -7.99
N SER A 42 -10.94 -4.44 -8.76
CA SER A 42 -12.35 -4.83 -8.76
C SER A 42 -12.49 -6.33 -9.01
N GLY A 43 -13.19 -7.02 -8.13
CA GLY A 43 -13.30 -8.45 -8.23
C GLY A 43 -12.21 -9.16 -7.45
N LEU A 44 -11.92 -8.64 -6.27
CA LEU A 44 -10.89 -9.22 -5.43
C LEU A 44 -11.33 -10.56 -4.86
N ARG A 45 -12.62 -10.71 -4.64
CA ARG A 45 -13.16 -11.94 -4.09
C ARG A 45 -14.61 -12.12 -4.49
N VAL A 46 -14.85 -12.24 -5.79
CA VAL A 46 -16.20 -12.43 -6.29
C VAL A 46 -16.68 -13.83 -5.97
N GLY A 1 14.74 -6.96 -4.78
CA GLY A 1 15.00 -5.91 -5.80
C GLY A 1 16.07 -4.93 -5.36
N SER A 2 15.64 -3.86 -4.72
CA SER A 2 16.56 -2.81 -4.28
C SER A 2 16.72 -2.82 -2.76
N MET A 3 17.64 -2.01 -2.26
CA MET A 3 17.87 -1.91 -0.82
C MET A 3 16.92 -0.90 -0.20
N ALA A 4 15.79 -1.39 0.29
CA ALA A 4 14.78 -0.54 0.90
C ALA A 4 14.14 -1.26 2.09
N ALA A 5 14.82 -1.22 3.22
CA ALA A 5 14.35 -1.93 4.40
C ALA A 5 13.49 -1.02 5.29
N HIS A 6 13.48 0.26 4.99
CA HIS A 6 12.67 1.20 5.75
C HIS A 6 11.66 1.89 4.83
N SER A 7 11.02 2.93 5.33
CA SER A 7 9.98 3.64 4.59
C SER A 7 10.55 4.26 3.30
N ALA A 8 10.35 3.55 2.19
CA ALA A 8 10.84 4.02 0.90
C ALA A 8 9.79 3.77 -0.16
N ASP A 9 9.99 4.34 -1.34
CA ASP A 9 9.04 4.19 -2.44
C ASP A 9 9.28 2.86 -3.17
N LEU A 10 9.35 1.79 -2.41
CA LEU A 10 9.48 0.46 -2.97
C LEU A 10 8.09 -0.15 -3.13
N LYS A 11 7.08 0.65 -2.78
CA LYS A 11 5.68 0.27 -2.84
C LYS A 11 5.32 -0.74 -1.77
N CYS A 12 4.11 -0.60 -1.24
CA CYS A 12 3.59 -1.51 -0.24
C CYS A 12 3.21 -2.84 -0.90
N PRO A 13 2.79 -3.84 -0.13
CA PRO A 13 2.48 -5.18 -0.66
C PRO A 13 1.48 -5.16 -1.83
N THR A 14 0.63 -4.15 -1.87
CA THR A 14 -0.35 -4.03 -2.94
C THR A 14 0.25 -3.39 -4.19
N PRO A 15 0.20 -4.12 -5.32
CA PRO A 15 0.80 -3.67 -6.58
C PRO A 15 0.10 -2.44 -7.17
N GLY A 16 -1.23 -2.43 -7.13
CA GLY A 16 -1.99 -1.33 -7.70
C GLY A 16 -2.11 -0.14 -6.77
N CYS A 17 -1.44 -0.22 -5.64
CA CYS A 17 -1.48 0.85 -4.64
C CYS A 17 -0.44 1.93 -4.94
N ASP A 18 -0.37 2.94 -4.08
CA ASP A 18 0.59 4.02 -4.23
C ASP A 18 1.45 4.18 -2.97
N GLY A 19 0.91 3.76 -1.84
CA GLY A 19 1.66 3.81 -0.60
C GLY A 19 1.21 4.91 0.33
N SER A 20 0.32 5.75 -0.13
CA SER A 20 -0.21 6.83 0.69
C SER A 20 -1.70 6.66 0.93
N GLY A 21 -2.20 7.29 1.98
CA GLY A 21 -3.60 7.15 2.31
C GLY A 21 -3.89 5.85 3.01
N HIS A 22 -5.17 5.57 3.20
CA HIS A 22 -5.63 4.35 3.86
C HIS A 22 -7.06 4.04 3.42
N ILE A 23 -7.51 2.82 3.67
CA ILE A 23 -8.90 2.47 3.44
C ILE A 23 -9.77 3.10 4.53
N THR A 24 -9.18 3.29 5.70
CA THR A 24 -9.85 3.94 6.82
C THR A 24 -10.00 5.44 6.56
N GLY A 25 -9.16 5.97 5.68
CA GLY A 25 -9.23 7.39 5.35
C GLY A 25 -8.96 8.27 6.55
N ASN A 26 -8.00 7.84 7.38
CA ASN A 26 -7.73 8.51 8.64
C ASN A 26 -6.24 8.77 8.83
N TYR A 27 -5.45 8.43 7.81
CA TYR A 27 -4.01 8.56 7.90
C TYR A 27 -3.46 9.31 6.70
N ALA A 28 -2.14 9.47 6.67
CA ALA A 28 -1.47 10.15 5.57
C ALA A 28 -0.87 9.15 4.61
N SER A 29 -0.25 8.11 5.15
CA SER A 29 0.39 7.08 4.33
C SER A 29 0.48 5.76 5.09
N HIS A 30 1.01 4.75 4.42
CA HIS A 30 1.15 3.42 4.98
C HIS A 30 2.25 2.65 4.24
N ARG A 31 2.43 1.39 4.60
CA ARG A 31 3.32 0.50 3.87
C ARG A 31 2.99 -0.94 4.19
N SER A 32 1.70 -1.20 4.30
CA SER A 32 1.20 -2.53 4.62
C SER A 32 -0.21 -2.68 4.05
N LEU A 33 -0.71 -3.91 4.01
CA LEU A 33 -2.03 -4.18 3.47
C LEU A 33 -3.10 -3.77 4.48
N SER A 34 -2.65 -3.40 5.67
CA SER A 34 -3.52 -2.87 6.70
C SER A 34 -3.82 -1.40 6.41
N GLY A 35 -3.13 -0.85 5.41
CA GLY A 35 -3.34 0.53 5.05
C GLY A 35 -3.70 0.69 3.60
N CYS A 36 -3.36 -0.32 2.79
CA CYS A 36 -3.60 -0.28 1.35
C CYS A 36 -5.07 -0.09 1.00
N PRO A 37 -5.44 1.09 0.48
CA PRO A 37 -6.81 1.38 0.06
C PRO A 37 -7.13 0.78 -1.31
N ARG A 38 -6.10 0.32 -2.02
CA ARG A 38 -6.30 -0.24 -3.34
C ARG A 38 -5.98 -1.73 -3.36
N ALA A 39 -6.21 -2.39 -2.23
CA ALA A 39 -5.98 -3.83 -2.11
C ALA A 39 -6.71 -4.59 -3.21
N LYS A 40 -6.11 -5.66 -3.70
CA LYS A 40 -6.71 -6.45 -4.77
C LYS A 40 -7.89 -7.26 -4.22
N LYS A 41 -8.99 -7.24 -4.95
CA LYS A 41 -10.21 -7.93 -4.52
C LYS A 41 -10.26 -9.34 -5.08
N SER A 42 -10.78 -9.46 -6.29
CA SER A 42 -10.88 -10.75 -6.97
C SER A 42 -9.76 -10.91 -7.98
N GLY A 43 -9.46 -9.82 -8.69
CA GLY A 43 -8.37 -9.83 -9.64
C GLY A 43 -7.04 -9.59 -8.98
N LEU A 44 -6.66 -10.50 -8.08
CA LEU A 44 -5.41 -10.39 -7.34
C LEU A 44 -4.23 -10.34 -8.30
N ARG A 45 -4.07 -11.39 -9.09
CA ARG A 45 -3.02 -11.44 -10.09
C ARG A 45 -3.49 -12.24 -11.28
N VAL A 46 -4.43 -11.68 -12.04
CA VAL A 46 -4.96 -12.34 -13.22
C VAL A 46 -4.50 -11.60 -14.47
N GLY A 1 20.25 1.77 -18.01
CA GLY A 1 19.79 0.88 -16.92
C GLY A 1 18.28 0.87 -16.79
N SER A 2 17.70 -0.33 -16.82
CA SER A 2 16.25 -0.48 -16.69
C SER A 2 15.88 -0.73 -15.23
N MET A 3 15.18 0.22 -14.63
CA MET A 3 14.78 0.11 -13.23
C MET A 3 13.48 -0.68 -13.12
N ALA A 4 13.25 -1.26 -11.95
CA ALA A 4 12.05 -2.07 -11.71
C ALA A 4 10.80 -1.20 -11.76
N ALA A 5 10.89 -0.02 -11.16
CA ALA A 5 9.81 0.96 -11.17
C ALA A 5 8.50 0.37 -10.63
N HIS A 6 7.69 -0.18 -11.52
CA HIS A 6 6.42 -0.79 -11.13
C HIS A 6 6.68 -2.06 -10.31
N SER A 7 7.73 -2.77 -10.67
CA SER A 7 8.11 -3.98 -9.96
C SER A 7 9.12 -3.69 -8.86
N ALA A 8 9.03 -2.51 -8.26
CA ALA A 8 9.93 -2.12 -7.20
C ALA A 8 9.22 -2.18 -5.85
N ASP A 9 9.98 -2.49 -4.81
CA ASP A 9 9.44 -2.62 -3.46
C ASP A 9 9.68 -1.34 -2.66
N LEU A 10 9.40 -0.21 -3.29
CA LEU A 10 9.48 1.07 -2.61
C LEU A 10 8.12 1.45 -2.10
N LYS A 11 7.17 0.55 -2.31
CA LYS A 11 5.80 0.75 -1.89
C LYS A 11 5.34 -0.43 -1.03
N CYS A 12 4.04 -0.59 -0.90
CA CYS A 12 3.46 -1.65 -0.10
C CYS A 12 3.26 -2.91 -0.94
N PRO A 13 2.77 -4.01 -0.34
CA PRO A 13 2.58 -5.28 -1.03
C PRO A 13 1.58 -5.20 -2.19
N THR A 14 0.63 -4.27 -2.11
CA THR A 14 -0.40 -4.12 -3.12
C THR A 14 0.17 -3.53 -4.42
N PRO A 15 0.06 -4.28 -5.53
CA PRO A 15 0.62 -3.87 -6.83
C PRO A 15 -0.06 -2.63 -7.40
N GLY A 16 -1.36 -2.52 -7.16
CA GLY A 16 -2.12 -1.40 -7.69
C GLY A 16 -2.15 -0.21 -6.74
N CYS A 17 -1.37 -0.30 -5.67
CA CYS A 17 -1.31 0.76 -4.69
C CYS A 17 -0.05 1.62 -4.88
N ASP A 18 0.16 2.55 -3.96
CA ASP A 18 1.30 3.47 -4.05
C ASP A 18 1.95 3.69 -2.69
N GLY A 19 1.19 3.45 -1.63
CA GLY A 19 1.72 3.62 -0.29
C GLY A 19 1.14 4.81 0.45
N SER A 20 0.35 5.62 -0.25
CA SER A 20 -0.25 6.78 0.35
C SER A 20 -1.74 6.56 0.58
N GLY A 21 -2.27 7.17 1.64
CA GLY A 21 -3.69 7.05 1.92
C GLY A 21 -4.02 5.86 2.79
N HIS A 22 -5.31 5.64 3.01
CA HIS A 22 -5.83 4.51 3.78
C HIS A 22 -7.29 4.27 3.42
N ILE A 23 -7.75 3.05 3.61
CA ILE A 23 -9.16 2.73 3.39
C ILE A 23 -10.01 3.38 4.48
N THR A 24 -9.45 3.50 5.66
CA THR A 24 -10.14 4.12 6.79
C THR A 24 -10.28 5.63 6.59
N GLY A 25 -9.39 6.21 5.80
CA GLY A 25 -9.43 7.64 5.54
C GLY A 25 -9.10 8.44 6.78
N ASN A 26 -8.15 7.96 7.57
CA ASN A 26 -7.82 8.58 8.85
C ASN A 26 -6.31 8.80 8.99
N TYR A 27 -5.53 8.32 8.03
CA TYR A 27 -4.09 8.45 8.10
C TYR A 27 -3.58 9.19 6.87
N ALA A 28 -2.27 9.34 6.75
CA ALA A 28 -1.69 10.04 5.61
C ALA A 28 -1.08 9.04 4.63
N SER A 29 -0.32 8.08 5.14
CA SER A 29 0.33 7.09 4.28
C SER A 29 0.56 5.79 5.04
N HIS A 30 0.96 4.76 4.31
CA HIS A 30 1.23 3.45 4.88
C HIS A 30 2.37 2.77 4.10
N ARG A 31 2.60 1.49 4.36
CA ARG A 31 3.62 0.75 3.64
C ARG A 31 3.37 -0.75 3.71
N SER A 32 2.22 -1.13 4.25
CA SER A 32 1.84 -2.52 4.34
C SER A 32 0.38 -2.69 3.90
N LEU A 33 -0.06 -3.94 3.75
CA LEU A 33 -1.40 -4.25 3.28
C LEU A 33 -2.44 -4.05 4.36
N SER A 34 -2.06 -3.43 5.46
CA SER A 34 -2.98 -3.16 6.55
C SER A 34 -3.73 -1.85 6.32
N GLY A 35 -3.26 -1.05 5.36
CA GLY A 35 -3.86 0.23 5.11
C GLY A 35 -3.98 0.58 3.65
N CYS A 36 -3.81 -0.42 2.79
CA CYS A 36 -3.93 -0.22 1.35
C CYS A 36 -5.37 0.10 0.97
N PRO A 37 -5.64 1.34 0.50
CA PRO A 37 -6.97 1.75 0.07
C PRO A 37 -7.31 1.19 -1.31
N ARG A 38 -6.32 0.60 -1.95
CA ARG A 38 -6.51 -0.02 -3.25
C ARG A 38 -6.22 -1.51 -3.18
N ALA A 39 -6.25 -2.05 -1.95
CA ALA A 39 -6.04 -3.47 -1.73
C ALA A 39 -7.07 -4.30 -2.47
N LYS A 40 -6.61 -5.00 -3.51
CA LYS A 40 -7.47 -5.78 -4.39
C LYS A 40 -8.62 -4.94 -4.93
N LYS A 41 -8.35 -3.66 -5.18
CA LYS A 41 -9.35 -2.72 -5.68
C LYS A 41 -9.94 -3.22 -6.99
N SER A 42 -11.16 -3.75 -6.92
CA SER A 42 -11.84 -4.34 -8.07
C SER A 42 -11.00 -5.47 -8.67
N GLY A 43 -10.25 -6.16 -7.82
CA GLY A 43 -9.36 -7.20 -8.28
C GLY A 43 -8.07 -6.64 -8.84
N LEU A 44 -6.95 -7.04 -8.26
CA LEU A 44 -5.65 -6.54 -8.67
C LEU A 44 -5.29 -7.01 -10.08
N ARG A 45 -5.81 -8.15 -10.46
CA ARG A 45 -5.51 -8.74 -11.76
C ARG A 45 -6.55 -8.35 -12.81
N VAL A 46 -7.40 -7.40 -12.47
CA VAL A 46 -8.40 -6.91 -13.40
C VAL A 46 -8.16 -5.44 -13.72
N GLY A 1 13.94 -5.39 -2.37
CA GLY A 1 14.86 -6.09 -3.31
C GLY A 1 16.24 -5.47 -3.33
N SER A 2 17.20 -6.17 -3.89
CA SER A 2 18.57 -5.69 -3.96
C SER A 2 18.79 -4.83 -5.20
N MET A 3 18.25 -3.61 -5.17
CA MET A 3 18.38 -2.69 -6.29
C MET A 3 19.59 -1.80 -6.08
N ALA A 4 19.49 -0.87 -5.15
CA ALA A 4 20.61 -0.02 -4.79
C ALA A 4 21.31 -0.57 -3.56
N ALA A 5 20.66 -0.42 -2.41
CA ALA A 5 21.14 -0.99 -1.17
C ALA A 5 19.99 -1.65 -0.42
N HIS A 6 19.47 -0.97 0.61
CA HIS A 6 18.30 -1.46 1.31
C HIS A 6 17.03 -0.97 0.61
N SER A 7 16.85 -1.39 -0.62
CA SER A 7 15.71 -0.99 -1.42
C SER A 7 14.51 -1.87 -1.12
N ALA A 8 13.93 -1.66 0.05
CA ALA A 8 12.79 -2.47 0.49
C ALA A 8 11.86 -1.66 1.38
N ASP A 9 10.61 -2.09 1.44
CA ASP A 9 9.59 -1.47 2.28
C ASP A 9 9.46 0.02 2.00
N LEU A 10 9.57 0.38 0.74
CA LEU A 10 9.30 1.73 0.30
C LEU A 10 7.92 1.78 -0.31
N LYS A 11 7.52 0.64 -0.85
CA LYS A 11 6.20 0.44 -1.35
C LYS A 11 5.53 -0.69 -0.59
N CYS A 12 4.23 -0.61 -0.52
CA CYS A 12 3.43 -1.60 0.17
C CYS A 12 3.27 -2.86 -0.70
N PRO A 13 2.67 -3.92 -0.14
CA PRO A 13 2.50 -5.21 -0.84
C PRO A 13 1.69 -5.09 -2.13
N THR A 14 0.65 -4.27 -2.12
CA THR A 14 -0.25 -4.14 -3.25
C THR A 14 0.42 -3.47 -4.45
N PRO A 15 0.56 -4.20 -5.57
CA PRO A 15 1.20 -3.70 -6.78
C PRO A 15 0.40 -2.58 -7.44
N GLY A 16 -0.92 -2.64 -7.29
CA GLY A 16 -1.78 -1.64 -7.90
C GLY A 16 -1.97 -0.42 -7.01
N CYS A 17 -1.26 -0.41 -5.89
CA CYS A 17 -1.32 0.68 -4.94
C CYS A 17 -0.11 1.60 -5.10
N ASP A 18 -0.07 2.67 -4.31
CA ASP A 18 1.02 3.63 -4.40
C ASP A 18 1.63 3.91 -3.03
N GLY A 19 0.92 3.54 -1.98
CA GLY A 19 1.45 3.69 -0.63
C GLY A 19 0.90 4.89 0.12
N SER A 20 0.07 5.68 -0.55
CA SER A 20 -0.51 6.85 0.07
C SER A 20 -1.99 6.64 0.37
N GLY A 21 -2.47 7.25 1.43
CA GLY A 21 -3.86 7.08 1.83
C GLY A 21 -4.05 5.86 2.70
N HIS A 22 -5.30 5.55 3.00
CA HIS A 22 -5.66 4.37 3.79
C HIS A 22 -7.08 3.93 3.48
N ILE A 23 -7.43 2.75 3.93
CA ILE A 23 -8.80 2.27 3.83
C ILE A 23 -9.64 2.93 4.92
N THR A 24 -8.97 3.26 6.02
CA THR A 24 -9.62 3.90 7.15
C THR A 24 -9.81 5.41 6.92
N GLY A 25 -8.93 6.00 6.11
CA GLY A 25 -9.02 7.43 5.83
C GLY A 25 -8.72 8.27 7.06
N ASN A 26 -7.81 7.78 7.89
CA ASN A 26 -7.48 8.44 9.16
C ASN A 26 -5.99 8.77 9.24
N TYR A 27 -5.23 8.37 8.23
CA TYR A 27 -3.81 8.59 8.22
C TYR A 27 -3.42 9.42 6.99
N ALA A 28 -2.13 9.49 6.72
CA ALA A 28 -1.63 10.18 5.53
C ALA A 28 -1.14 9.18 4.51
N SER A 29 -0.32 8.24 4.95
CA SER A 29 0.21 7.21 4.07
C SER A 29 0.39 5.89 4.81
N HIS A 30 0.77 4.85 4.10
CA HIS A 30 0.95 3.53 4.70
C HIS A 30 2.10 2.79 4.03
N ARG A 31 2.29 1.53 4.41
CA ARG A 31 3.33 0.69 3.80
C ARG A 31 2.96 -0.79 3.88
N SER A 32 1.73 -1.07 4.27
CA SER A 32 1.26 -2.45 4.38
C SER A 32 -0.14 -2.56 3.81
N LEU A 33 -0.64 -3.78 3.65
CA LEU A 33 -1.95 -4.03 3.07
C LEU A 33 -3.05 -3.71 4.07
N SER A 34 -2.66 -3.34 5.27
CA SER A 34 -3.61 -2.90 6.28
C SER A 34 -4.01 -1.46 6.02
N GLY A 35 -3.24 -0.81 5.14
CA GLY A 35 -3.49 0.57 4.83
C GLY A 35 -3.90 0.79 3.38
N CYS A 36 -3.61 -0.20 2.53
CA CYS A 36 -3.89 -0.10 1.10
C CYS A 36 -5.38 0.16 0.84
N PRO A 37 -5.73 1.37 0.37
CA PRO A 37 -7.09 1.70 -0.03
C PRO A 37 -7.44 1.05 -1.37
N ARG A 38 -6.42 0.46 -1.99
CA ARG A 38 -6.60 -0.26 -3.24
C ARG A 38 -6.32 -1.74 -3.04
N ALA A 39 -6.63 -2.21 -1.82
CA ALA A 39 -6.36 -3.58 -1.42
C ALA A 39 -6.78 -4.58 -2.48
N LYS A 40 -5.95 -5.58 -2.69
CA LYS A 40 -6.18 -6.60 -3.71
C LYS A 40 -7.48 -7.33 -3.45
N LYS A 41 -8.52 -6.98 -4.20
CA LYS A 41 -9.82 -7.61 -4.04
C LYS A 41 -10.06 -8.61 -5.16
N SER A 42 -10.50 -8.12 -6.31
CA SER A 42 -10.71 -8.97 -7.47
C SER A 42 -9.36 -9.29 -8.13
N GLY A 43 -8.47 -8.31 -8.11
CA GLY A 43 -7.14 -8.52 -8.64
C GLY A 43 -6.09 -7.96 -7.70
N LEU A 44 -4.83 -8.09 -8.08
CA LEU A 44 -3.74 -7.58 -7.27
C LEU A 44 -3.14 -6.32 -7.93
N ARG A 45 -3.20 -6.29 -9.25
CA ARG A 45 -2.73 -5.15 -10.01
C ARG A 45 -3.91 -4.33 -10.49
N VAL A 46 -4.68 -3.80 -9.55
CA VAL A 46 -5.87 -3.03 -9.90
C VAL A 46 -5.69 -1.58 -9.46
N GLY A 1 2.00 -6.13 12.39
CA GLY A 1 1.29 -5.27 11.41
C GLY A 1 2.24 -4.56 10.48
N SER A 2 2.74 -3.40 10.90
CA SER A 2 3.65 -2.62 10.08
C SER A 2 5.00 -2.46 10.78
N MET A 3 5.99 -3.21 10.30
CA MET A 3 7.34 -3.15 10.87
C MET A 3 8.13 -2.00 10.28
N ALA A 4 7.60 -0.79 10.43
CA ALA A 4 8.21 0.41 9.89
C ALA A 4 7.78 1.63 10.68
N ALA A 5 8.40 1.83 11.83
CA ALA A 5 8.01 2.92 12.73
C ALA A 5 8.25 4.27 12.08
N HIS A 6 9.48 4.52 11.67
CA HIS A 6 9.85 5.79 11.06
C HIS A 6 10.54 5.57 9.72
N SER A 7 10.25 4.44 9.10
CA SER A 7 10.84 4.13 7.80
C SER A 7 10.14 4.90 6.68
N ALA A 8 10.81 5.03 5.54
CA ALA A 8 10.27 5.77 4.41
C ALA A 8 9.34 4.90 3.58
N ASP A 9 8.83 5.47 2.49
CA ASP A 9 7.91 4.76 1.62
C ASP A 9 8.61 3.68 0.81
N LEU A 10 8.60 2.46 1.34
CA LEU A 10 9.17 1.32 0.65
C LEU A 10 8.09 0.64 -0.18
N LYS A 11 6.91 1.27 -0.18
CA LYS A 11 5.73 0.78 -0.89
C LYS A 11 5.22 -0.53 -0.34
N CYS A 12 3.93 -0.57 -0.07
CA CYS A 12 3.27 -1.74 0.44
C CYS A 12 3.38 -2.91 -0.53
N PRO A 13 3.10 -4.13 -0.07
CA PRO A 13 3.14 -5.34 -0.90
C PRO A 13 2.17 -5.27 -2.08
N THR A 14 1.08 -4.53 -1.90
CA THR A 14 0.05 -4.38 -2.93
C THR A 14 0.62 -3.69 -4.18
N PRO A 15 0.66 -4.41 -5.31
CA PRO A 15 1.25 -3.91 -6.56
C PRO A 15 0.45 -2.74 -7.15
N GLY A 16 -0.86 -2.88 -7.21
CA GLY A 16 -1.70 -1.87 -7.83
C GLY A 16 -2.00 -0.69 -6.92
N CYS A 17 -1.42 -0.70 -5.74
CA CYS A 17 -1.61 0.36 -4.77
C CYS A 17 -0.81 1.60 -5.14
N ASP A 18 -1.23 2.75 -4.62
CA ASP A 18 -0.49 3.99 -4.79
C ASP A 18 0.45 4.20 -3.61
N GLY A 19 0.02 3.77 -2.43
CA GLY A 19 0.86 3.81 -1.26
C GLY A 19 0.60 4.99 -0.34
N SER A 20 -0.07 6.01 -0.83
CA SER A 20 -0.28 7.21 -0.04
C SER A 20 -1.72 7.35 0.44
N GLY A 21 -2.08 6.59 1.46
CA GLY A 21 -3.39 6.72 2.06
C GLY A 21 -3.82 5.47 2.79
N HIS A 22 -5.04 5.49 3.30
CA HIS A 22 -5.66 4.35 3.96
C HIS A 22 -7.15 4.35 3.63
N ILE A 23 -7.75 3.16 3.54
CA ILE A 23 -9.19 3.06 3.32
C ILE A 23 -9.95 3.58 4.54
N THR A 24 -9.30 3.51 5.70
CA THR A 24 -9.88 3.98 6.95
C THR A 24 -9.99 5.52 6.96
N GLY A 25 -9.22 6.18 6.10
CA GLY A 25 -9.28 7.63 5.99
C GLY A 25 -8.76 8.32 7.23
N ASN A 26 -7.86 7.66 7.95
CA ASN A 26 -7.32 8.19 9.20
C ASN A 26 -5.81 8.35 9.12
N TYR A 27 -5.24 7.98 7.99
CA TYR A 27 -3.79 8.04 7.82
C TYR A 27 -3.44 8.85 6.57
N ALA A 28 -2.17 9.14 6.42
CA ALA A 28 -1.71 9.89 5.26
C ALA A 28 -1.00 8.98 4.26
N SER A 29 -0.40 7.91 4.77
CA SER A 29 0.30 6.95 3.93
C SER A 29 0.39 5.60 4.63
N HIS A 30 0.99 4.63 3.95
CA HIS A 30 1.15 3.29 4.50
C HIS A 30 2.25 2.55 3.72
N ARG A 31 2.73 1.45 4.27
CA ARG A 31 3.77 0.66 3.60
C ARG A 31 3.62 -0.83 3.89
N SER A 32 2.43 -1.23 4.32
CA SER A 32 2.16 -2.64 4.58
C SER A 32 0.72 -2.98 4.26
N LEU A 33 0.41 -4.28 4.18
CA LEU A 33 -0.93 -4.73 3.88
C LEU A 33 -1.83 -4.64 5.10
N SER A 34 -2.15 -3.41 5.48
CA SER A 34 -3.00 -3.15 6.63
C SER A 34 -4.08 -2.13 6.29
N GLY A 35 -3.69 -1.09 5.55
CA GLY A 35 -4.64 -0.07 5.19
C GLY A 35 -4.48 0.41 3.77
N CYS A 36 -4.57 -0.52 2.83
CA CYS A 36 -4.48 -0.21 1.41
C CYS A 36 -5.77 0.46 0.91
N PRO A 37 -5.68 1.71 0.45
CA PRO A 37 -6.82 2.44 -0.11
C PRO A 37 -7.14 1.98 -1.53
N ARG A 38 -6.13 1.44 -2.20
CA ARG A 38 -6.30 0.87 -3.52
C ARG A 38 -6.07 -0.63 -3.46
N ALA A 39 -6.62 -1.25 -2.43
CA ALA A 39 -6.38 -2.66 -2.16
C ALA A 39 -6.85 -3.54 -3.30
N LYS A 40 -5.91 -3.93 -4.14
CA LYS A 40 -6.18 -4.81 -5.28
C LYS A 40 -7.21 -4.17 -6.21
N LYS A 41 -8.02 -5.01 -6.85
CA LYS A 41 -9.04 -4.55 -7.78
C LYS A 41 -9.96 -5.71 -8.12
N SER A 42 -10.98 -5.44 -8.94
CA SER A 42 -11.87 -6.48 -9.42
C SER A 42 -11.09 -7.50 -10.22
N GLY A 43 -10.24 -7.00 -11.12
CA GLY A 43 -9.31 -7.85 -11.82
C GLY A 43 -7.87 -7.51 -11.42
N LEU A 44 -7.55 -7.78 -10.16
CA LEU A 44 -6.28 -7.39 -9.59
C LEU A 44 -5.11 -8.07 -10.32
N ARG A 45 -4.11 -7.27 -10.68
CA ARG A 45 -2.90 -7.75 -11.33
C ARG A 45 -3.21 -8.38 -12.70
N VAL A 46 -4.34 -8.00 -13.27
CA VAL A 46 -4.71 -8.48 -14.60
C VAL A 46 -4.73 -7.32 -15.58
N GLY A 1 -0.56 -16.73 -15.12
CA GLY A 1 -0.81 -15.31 -14.77
C GLY A 1 -1.18 -15.15 -13.31
N SER A 2 -1.54 -13.92 -12.92
CA SER A 2 -1.94 -13.61 -11.55
C SER A 2 -0.87 -14.06 -10.54
N MET A 3 0.19 -13.28 -10.44
CA MET A 3 1.28 -13.61 -9.52
C MET A 3 1.49 -12.47 -8.52
N ALA A 4 1.60 -12.83 -7.25
CA ALA A 4 1.82 -11.84 -6.19
C ALA A 4 3.15 -12.13 -5.49
N ALA A 5 4.19 -11.40 -5.89
CA ALA A 5 5.52 -11.61 -5.34
C ALA A 5 5.88 -10.49 -4.38
N HIS A 6 6.86 -10.74 -3.53
CA HIS A 6 7.34 -9.74 -2.58
C HIS A 6 8.85 -9.56 -2.74
N SER A 7 9.27 -9.24 -3.95
CA SER A 7 10.67 -9.03 -4.25
C SER A 7 11.05 -7.57 -4.00
N ALA A 8 10.09 -6.69 -4.22
CA ALA A 8 10.26 -5.28 -3.94
C ALA A 8 9.65 -4.93 -2.59
N ASP A 9 10.15 -3.87 -1.98
CA ASP A 9 9.67 -3.46 -0.67
C ASP A 9 9.99 -1.99 -0.44
N LEU A 10 9.82 -1.19 -1.47
CA LEU A 10 10.00 0.24 -1.38
C LEU A 10 8.72 0.87 -0.83
N LYS A 11 7.61 0.23 -1.12
CA LYS A 11 6.32 0.63 -0.61
C LYS A 11 5.56 -0.60 -0.14
N CYS A 12 4.25 -0.51 -0.13
CA CYS A 12 3.40 -1.59 0.35
C CYS A 12 3.31 -2.74 -0.66
N PRO A 13 2.77 -3.89 -0.23
CA PRO A 13 2.70 -5.11 -1.06
C PRO A 13 1.79 -4.96 -2.28
N THR A 14 0.68 -4.25 -2.13
CA THR A 14 -0.33 -4.14 -3.19
C THR A 14 0.22 -3.42 -4.42
N PRO A 15 0.24 -4.11 -5.57
CA PRO A 15 0.79 -3.58 -6.83
C PRO A 15 -0.08 -2.46 -7.42
N GLY A 16 -1.38 -2.56 -7.21
CA GLY A 16 -2.30 -1.57 -7.73
C GLY A 16 -2.45 -0.38 -6.79
N CYS A 17 -1.66 -0.39 -5.72
CA CYS A 17 -1.67 0.67 -4.74
C CYS A 17 -0.50 1.61 -4.98
N ASP A 18 -0.46 2.70 -4.24
CA ASP A 18 0.62 3.67 -4.36
C ASP A 18 1.34 3.85 -3.02
N GLY A 19 0.70 3.37 -1.95
CA GLY A 19 1.32 3.41 -0.64
C GLY A 19 0.87 4.60 0.20
N SER A 20 0.08 5.48 -0.36
CA SER A 20 -0.41 6.63 0.36
C SER A 20 -1.89 6.47 0.71
N GLY A 21 -2.32 7.18 1.74
CA GLY A 21 -3.69 7.09 2.18
C GLY A 21 -3.95 5.83 2.98
N HIS A 22 -5.22 5.55 3.23
CA HIS A 22 -5.66 4.35 3.93
C HIS A 22 -7.10 4.02 3.54
N ILE A 23 -7.48 2.76 3.73
CA ILE A 23 -8.87 2.36 3.51
C ILE A 23 -9.77 3.02 4.57
N THR A 24 -9.18 3.25 5.75
CA THR A 24 -9.89 3.91 6.84
C THR A 24 -9.88 5.44 6.63
N GLY A 25 -9.08 5.90 5.67
CA GLY A 25 -9.05 7.32 5.33
C GLY A 25 -8.60 8.21 6.49
N ASN A 26 -7.94 7.61 7.48
CA ASN A 26 -7.58 8.35 8.68
C ASN A 26 -6.07 8.62 8.75
N TYR A 27 -5.36 8.20 7.71
CA TYR A 27 -3.91 8.32 7.70
C TYR A 27 -3.43 8.92 6.39
N ALA A 28 -2.27 9.55 6.42
CA ALA A 28 -1.68 10.18 5.24
C ALA A 28 -1.06 9.14 4.31
N SER A 29 -0.40 8.13 4.89
CA SER A 29 0.26 7.10 4.10
C SER A 29 0.45 5.82 4.90
N HIS A 30 0.88 4.77 4.23
CA HIS A 30 1.15 3.48 4.87
C HIS A 30 2.37 2.82 4.23
N ARG A 31 2.61 1.56 4.58
CA ARG A 31 3.75 0.83 4.03
C ARG A 31 3.44 -0.64 3.87
N SER A 32 2.32 -1.07 4.40
CA SER A 32 1.95 -2.48 4.38
C SER A 32 0.50 -2.65 3.94
N LEU A 33 0.08 -3.91 3.76
CA LEU A 33 -1.29 -4.21 3.34
C LEU A 33 -2.28 -4.07 4.49
N SER A 34 -1.88 -3.27 5.48
CA SER A 34 -2.70 -3.03 6.65
C SER A 34 -3.67 -1.87 6.40
N GLY A 35 -3.37 -1.07 5.38
CA GLY A 35 -4.20 0.09 5.11
C GLY A 35 -4.19 0.52 3.65
N CYS A 36 -4.01 -0.44 2.76
CA CYS A 36 -4.04 -0.15 1.33
C CYS A 36 -5.45 0.28 0.90
N PRO A 37 -5.61 1.55 0.47
CA PRO A 37 -6.90 2.04 -0.01
C PRO A 37 -7.19 1.56 -1.41
N ARG A 38 -6.19 0.92 -2.01
CA ARG A 38 -6.32 0.34 -3.34
C ARG A 38 -6.28 -1.18 -3.24
N ALA A 39 -6.89 -1.69 -2.18
CA ALA A 39 -6.94 -3.13 -1.95
C ALA A 39 -7.54 -3.85 -3.15
N LYS A 40 -6.82 -4.84 -3.67
CA LYS A 40 -7.20 -5.52 -4.91
C LYS A 40 -8.39 -6.46 -4.71
N LYS A 41 -9.45 -5.94 -4.12
CA LYS A 41 -10.73 -6.64 -3.97
C LYS A 41 -10.56 -8.05 -3.41
N SER A 42 -10.89 -9.06 -4.21
CA SER A 42 -10.79 -10.45 -3.79
C SER A 42 -9.34 -10.84 -3.58
N GLY A 43 -9.01 -11.21 -2.36
CA GLY A 43 -7.65 -11.55 -2.02
C GLY A 43 -6.76 -10.34 -1.96
N LEU A 44 -7.21 -9.28 -1.30
CA LEU A 44 -6.39 -8.09 -1.13
C LEU A 44 -5.13 -8.46 -0.36
N ARG A 45 -5.31 -9.28 0.66
CA ARG A 45 -4.18 -9.91 1.35
C ARG A 45 -4.35 -11.41 1.28
N VAL A 46 -5.14 -11.95 2.20
CA VAL A 46 -5.48 -13.36 2.21
C VAL A 46 -6.92 -13.54 2.64
N GLY A 1 13.40 -7.84 2.89
CA GLY A 1 12.61 -8.74 3.76
C GLY A 1 12.85 -8.48 5.24
N SER A 2 12.93 -7.22 5.61
CA SER A 2 13.16 -6.86 7.00
C SER A 2 11.84 -6.78 7.76
N MET A 3 10.95 -5.91 7.31
CA MET A 3 9.66 -5.72 7.98
C MET A 3 8.63 -6.71 7.44
N ALA A 4 8.41 -6.68 6.14
CA ALA A 4 7.42 -7.55 5.51
C ALA A 4 8.07 -8.35 4.39
N ALA A 5 7.29 -9.22 3.75
CA ALA A 5 7.76 -9.99 2.62
C ALA A 5 7.90 -9.09 1.40
N HIS A 6 9.01 -8.38 1.34
CA HIS A 6 9.25 -7.39 0.30
C HIS A 6 10.74 -7.16 0.15
N SER A 7 11.20 -7.02 -1.08
CA SER A 7 12.60 -6.74 -1.34
C SER A 7 12.94 -5.32 -0.88
N ALA A 8 11.98 -4.42 -1.05
CA ALA A 8 12.12 -3.05 -0.57
C ALA A 8 10.84 -2.61 0.15
N ASP A 9 10.98 -1.69 1.08
CA ASP A 9 9.83 -1.23 1.87
C ASP A 9 9.56 0.25 1.59
N LEU A 10 9.72 0.64 0.33
CA LEU A 10 9.38 1.98 -0.09
C LEU A 10 7.90 2.02 -0.46
N LYS A 11 7.39 0.85 -0.81
CA LYS A 11 6.00 0.67 -1.12
C LYS A 11 5.46 -0.50 -0.30
N CYS A 12 4.17 -0.69 -0.41
CA CYS A 12 3.48 -1.77 0.27
C CYS A 12 3.46 -3.02 -0.64
N PRO A 13 2.94 -4.15 -0.13
CA PRO A 13 2.84 -5.39 -0.91
C PRO A 13 1.90 -5.26 -2.12
N THR A 14 0.97 -4.32 -2.02
CA THR A 14 -0.04 -4.12 -3.05
C THR A 14 0.51 -3.36 -4.26
N PRO A 15 0.62 -4.04 -5.41
CA PRO A 15 1.16 -3.44 -6.65
C PRO A 15 0.24 -2.37 -7.22
N GLY A 16 -1.05 -2.49 -6.98
CA GLY A 16 -2.01 -1.56 -7.52
C GLY A 16 -2.23 -0.35 -6.63
N CYS A 17 -1.51 -0.29 -5.53
CA CYS A 17 -1.64 0.81 -4.58
C CYS A 17 -0.92 2.07 -5.06
N ASP A 18 -1.29 3.19 -4.47
CA ASP A 18 -0.59 4.45 -4.70
C ASP A 18 0.46 4.66 -3.61
N GLY A 19 0.17 4.16 -2.41
CA GLY A 19 1.14 4.20 -1.33
C GLY A 19 0.90 5.36 -0.35
N SER A 20 0.10 6.33 -0.75
CA SER A 20 -0.13 7.50 0.09
C SER A 20 -1.59 7.59 0.52
N GLY A 21 -1.96 6.79 1.51
CA GLY A 21 -3.30 6.82 2.02
C GLY A 21 -3.68 5.54 2.73
N HIS A 22 -4.95 5.43 3.09
CA HIS A 22 -5.51 4.25 3.72
C HIS A 22 -6.95 4.10 3.28
N ILE A 23 -7.58 3.00 3.67
CA ILE A 23 -9.01 2.84 3.44
C ILE A 23 -9.79 3.55 4.54
N THR A 24 -9.24 3.51 5.75
CA THR A 24 -9.86 4.14 6.91
C THR A 24 -10.06 5.64 6.72
N GLY A 25 -9.11 6.29 6.04
CA GLY A 25 -9.21 7.72 5.85
C GLY A 25 -8.62 8.50 7.02
N ASN A 26 -7.89 7.80 7.87
CA ASN A 26 -7.33 8.39 9.07
C ASN A 26 -5.83 8.55 8.97
N TYR A 27 -5.26 8.14 7.84
CA TYR A 27 -3.81 8.16 7.67
C TYR A 27 -3.41 8.93 6.41
N ALA A 28 -2.13 9.23 6.30
CA ALA A 28 -1.62 9.96 5.14
C ALA A 28 -0.83 9.02 4.22
N SER A 29 -0.36 7.91 4.76
CA SER A 29 0.43 6.97 4.00
C SER A 29 0.38 5.59 4.66
N HIS A 30 1.00 4.59 4.02
CA HIS A 30 1.05 3.24 4.57
C HIS A 30 2.18 2.45 3.91
N ARG A 31 2.47 1.26 4.45
CA ARG A 31 3.52 0.42 3.89
C ARG A 31 3.20 -1.06 4.05
N SER A 32 1.93 -1.36 4.34
CA SER A 32 1.49 -2.74 4.50
C SER A 32 0.04 -2.88 4.09
N LEU A 33 -0.43 -4.12 3.97
CA LEU A 33 -1.80 -4.41 3.56
C LEU A 33 -2.79 -4.20 4.70
N SER A 34 -2.34 -3.52 5.75
CA SER A 34 -3.18 -3.25 6.90
C SER A 34 -4.10 -2.06 6.63
N GLY A 35 -3.75 -1.27 5.63
CA GLY A 35 -4.54 -0.12 5.29
C GLY A 35 -4.42 0.26 3.84
N CYS A 36 -4.34 -0.74 2.98
CA CYS A 36 -4.21 -0.54 1.55
C CYS A 36 -5.52 0.02 0.97
N PRO A 37 -5.49 1.27 0.45
CA PRO A 37 -6.66 1.89 -0.15
C PRO A 37 -6.96 1.32 -1.53
N ARG A 38 -5.98 0.64 -2.10
CA ARG A 38 -6.15 0.00 -3.40
C ARG A 38 -5.79 -1.48 -3.30
N ALA A 39 -6.04 -2.06 -2.13
CA ALA A 39 -5.71 -3.45 -1.86
C ALA A 39 -6.31 -4.40 -2.88
N LYS A 40 -5.43 -5.14 -3.57
CA LYS A 40 -5.83 -6.14 -4.55
C LYS A 40 -6.70 -5.52 -5.65
N LYS A 41 -8.01 -5.69 -5.53
CA LYS A 41 -8.96 -5.10 -6.48
C LYS A 41 -10.38 -5.24 -5.95
N SER A 42 -11.20 -6.03 -6.62
CA SER A 42 -12.55 -6.30 -6.18
C SER A 42 -12.61 -7.56 -5.32
N GLY A 43 -11.76 -7.60 -4.30
CA GLY A 43 -11.65 -8.77 -3.47
C GLY A 43 -10.20 -9.06 -3.11
N LEU A 44 -9.95 -9.28 -1.84
CA LEU A 44 -8.59 -9.48 -1.35
C LEU A 44 -8.13 -10.93 -1.52
N ARG A 45 -9.09 -11.84 -1.52
CA ARG A 45 -8.79 -13.26 -1.65
C ARG A 45 -8.78 -13.69 -3.12
N VAL A 46 -8.72 -12.72 -4.01
CA VAL A 46 -8.71 -12.99 -5.44
C VAL A 46 -7.39 -12.54 -6.06
N GLY A 1 22.67 3.29 6.18
CA GLY A 1 22.07 3.42 4.82
C GLY A 1 22.40 2.23 3.95
N SER A 2 22.87 2.52 2.73
CA SER A 2 23.26 1.49 1.78
C SER A 2 22.10 0.50 1.53
N MET A 3 20.98 1.03 1.06
CA MET A 3 19.81 0.20 0.81
C MET A 3 19.43 0.23 -0.66
N ALA A 4 20.37 0.67 -1.50
CA ALA A 4 20.20 0.73 -2.94
C ALA A 4 19.00 1.59 -3.34
N ALA A 5 17.91 0.96 -3.78
CA ALA A 5 16.72 1.69 -4.20
C ALA A 5 15.61 1.57 -3.17
N HIS A 6 15.51 0.40 -2.55
CA HIS A 6 14.49 0.15 -1.54
C HIS A 6 14.98 0.61 -0.16
N SER A 7 15.22 1.90 -0.03
CA SER A 7 15.65 2.47 1.23
C SER A 7 14.49 2.51 2.21
N ALA A 8 13.34 2.97 1.74
CA ALA A 8 12.13 2.98 2.53
C ALA A 8 11.03 2.18 1.84
N ASP A 9 10.16 1.58 2.63
CA ASP A 9 9.05 0.80 2.10
C ASP A 9 7.86 1.69 1.81
N LEU A 10 8.01 2.51 0.79
CA LEU A 10 6.97 3.43 0.38
C LEU A 10 5.91 2.70 -0.41
N LYS A 11 6.32 1.61 -1.04
CA LYS A 11 5.42 0.82 -1.83
C LYS A 11 5.09 -0.51 -1.16
N CYS A 12 3.91 -0.54 -0.60
CA CYS A 12 3.32 -1.71 0.05
C CYS A 12 3.23 -2.91 -0.91
N PRO A 13 2.87 -4.10 -0.38
CA PRO A 13 2.77 -5.33 -1.18
C PRO A 13 1.83 -5.21 -2.37
N THR A 14 0.75 -4.45 -2.21
CA THR A 14 -0.23 -4.27 -3.28
C THR A 14 0.34 -3.43 -4.43
N PRO A 15 0.55 -4.04 -5.60
CA PRO A 15 1.11 -3.35 -6.77
C PRO A 15 0.16 -2.31 -7.34
N GLY A 16 -1.13 -2.50 -7.11
CA GLY A 16 -2.13 -1.59 -7.61
C GLY A 16 -2.31 -0.39 -6.68
N CYS A 17 -1.73 -0.49 -5.50
CA CYS A 17 -1.81 0.57 -4.52
C CYS A 17 -0.60 1.50 -4.67
N ASP A 18 -0.73 2.72 -4.17
CA ASP A 18 0.33 3.70 -4.30
C ASP A 18 1.13 3.82 -2.99
N GLY A 19 0.54 3.31 -1.92
CA GLY A 19 1.25 3.27 -0.64
C GLY A 19 0.88 4.43 0.27
N SER A 20 0.05 5.34 -0.22
CA SER A 20 -0.38 6.47 0.58
C SER A 20 -1.84 6.31 1.00
N GLY A 21 -2.23 7.08 2.00
CA GLY A 21 -3.59 7.04 2.49
C GLY A 21 -3.92 5.74 3.19
N HIS A 22 -5.20 5.51 3.39
CA HIS A 22 -5.72 4.28 3.99
C HIS A 22 -7.15 4.09 3.51
N ILE A 23 -7.64 2.84 3.52
CA ILE A 23 -9.05 2.60 3.21
C ILE A 23 -9.90 3.24 4.29
N THR A 24 -9.27 3.41 5.43
CA THR A 24 -9.83 4.12 6.55
C THR A 24 -10.17 5.57 6.20
N GLY A 25 -9.15 6.32 5.83
CA GLY A 25 -9.31 7.72 5.53
C GLY A 25 -8.89 8.60 6.70
N ASN A 26 -7.99 8.08 7.52
CA ASN A 26 -7.58 8.77 8.74
C ASN A 26 -6.07 9.00 8.78
N TYR A 27 -5.37 8.54 7.74
CA TYR A 27 -3.92 8.60 7.73
C TYR A 27 -3.40 9.30 6.49
N ALA A 28 -2.10 9.49 6.43
CA ALA A 28 -1.45 10.11 5.28
C ALA A 28 -0.86 9.05 4.35
N SER A 29 -0.30 7.98 4.95
CA SER A 29 0.32 6.92 4.16
C SER A 29 0.49 5.66 4.99
N HIS A 30 0.90 4.58 4.33
CA HIS A 30 1.19 3.32 5.00
C HIS A 30 2.43 2.68 4.39
N ARG A 31 2.57 1.36 4.54
CA ARG A 31 3.70 0.64 3.96
C ARG A 31 3.38 -0.84 3.73
N SER A 32 2.35 -1.32 4.40
CA SER A 32 1.97 -2.72 4.28
C SER A 32 0.49 -2.85 3.94
N LEU A 33 -0.01 -4.07 3.85
CA LEU A 33 -1.42 -4.33 3.54
C LEU A 33 -2.32 -4.08 4.75
N SER A 34 -1.84 -3.27 5.67
CA SER A 34 -2.58 -2.93 6.86
C SER A 34 -3.62 -1.86 6.55
N GLY A 35 -3.34 -1.05 5.54
CA GLY A 35 -4.24 0.03 5.19
C GLY A 35 -4.17 0.42 3.74
N CYS A 36 -4.05 -0.58 2.87
CA CYS A 36 -4.07 -0.36 1.43
C CYS A 36 -5.48 0.05 0.97
N PRO A 37 -5.68 1.33 0.60
CA PRO A 37 -6.97 1.80 0.11
C PRO A 37 -7.15 1.46 -1.37
N ARG A 38 -6.11 0.86 -1.95
CA ARG A 38 -6.14 0.45 -3.33
C ARG A 38 -5.88 -1.05 -3.44
N ALA A 39 -6.10 -1.75 -2.33
CA ALA A 39 -5.88 -3.18 -2.28
C ALA A 39 -6.77 -3.90 -3.29
N LYS A 40 -6.13 -4.42 -4.33
CA LYS A 40 -6.84 -5.09 -5.44
C LYS A 40 -7.78 -4.12 -6.16
N LYS A 41 -7.41 -2.85 -6.16
CA LYS A 41 -8.19 -1.83 -6.84
C LYS A 41 -7.63 -1.55 -8.22
N SER A 42 -6.69 -0.62 -8.29
CA SER A 42 -6.02 -0.28 -9.54
C SER A 42 -4.84 -1.22 -9.77
N GLY A 43 -5.09 -2.52 -9.62
CA GLY A 43 -4.06 -3.52 -9.72
C GLY A 43 -4.28 -4.65 -8.75
N LEU A 44 -4.65 -5.81 -9.27
CA LEU A 44 -5.01 -6.94 -8.43
C LEU A 44 -3.97 -8.04 -8.53
N ARG A 45 -3.63 -8.44 -9.75
CA ARG A 45 -2.65 -9.49 -9.98
C ARG A 45 -1.49 -8.96 -10.81
N VAL A 46 -0.56 -8.30 -10.13
CA VAL A 46 0.62 -7.75 -10.79
C VAL A 46 1.84 -7.93 -9.89
N GLY A 1 26.12 9.64 3.45
CA GLY A 1 24.82 10.26 3.06
C GLY A 1 23.75 9.23 2.82
N SER A 2 23.01 9.40 1.73
CA SER A 2 21.94 8.48 1.34
C SER A 2 20.88 8.36 2.43
N MET A 3 20.27 9.49 2.77
CA MET A 3 19.22 9.51 3.80
C MET A 3 17.86 9.23 3.17
N ALA A 4 17.80 9.30 1.85
CA ALA A 4 16.58 9.05 1.10
C ALA A 4 16.92 8.58 -0.31
N ALA A 5 18.00 7.82 -0.43
CA ALA A 5 18.46 7.33 -1.71
C ALA A 5 17.79 5.99 -2.04
N HIS A 6 16.47 5.99 -1.95
CA HIS A 6 15.68 4.82 -2.27
C HIS A 6 14.70 5.14 -3.39
N SER A 7 14.16 4.11 -4.01
CA SER A 7 13.20 4.33 -5.09
C SER A 7 11.78 4.43 -4.53
N ALA A 8 10.78 4.42 -5.40
CA ALA A 8 9.38 4.54 -4.98
C ALA A 8 8.85 3.23 -4.41
N ASP A 9 9.75 2.33 -4.07
CA ASP A 9 9.36 1.06 -3.46
C ASP A 9 9.44 1.16 -1.94
N LEU A 10 9.10 2.33 -1.45
CA LEU A 10 9.01 2.58 -0.01
C LEU A 10 7.57 2.47 0.41
N LYS A 11 6.81 1.76 -0.39
CA LYS A 11 5.38 1.65 -0.21
C LYS A 11 5.00 0.25 0.27
N CYS A 12 3.80 -0.18 -0.07
CA CYS A 12 3.26 -1.43 0.40
C CYS A 12 3.51 -2.56 -0.61
N PRO A 13 3.10 -3.81 -0.30
CA PRO A 13 3.28 -4.94 -1.20
C PRO A 13 2.28 -4.93 -2.37
N THR A 14 1.13 -4.32 -2.14
CA THR A 14 0.05 -4.26 -3.12
C THR A 14 0.46 -3.55 -4.42
N PRO A 15 0.48 -4.27 -5.55
CA PRO A 15 0.93 -3.72 -6.83
C PRO A 15 0.04 -2.61 -7.35
N GLY A 16 -1.27 -2.76 -7.17
CA GLY A 16 -2.21 -1.77 -7.67
C GLY A 16 -2.34 -0.57 -6.76
N CYS A 17 -1.82 -0.70 -5.56
CA CYS A 17 -1.86 0.38 -4.59
C CYS A 17 -0.57 1.18 -4.64
N ASP A 18 -0.66 2.45 -4.29
CA ASP A 18 0.50 3.34 -4.39
C ASP A 18 1.17 3.53 -3.04
N GLY A 19 0.47 3.17 -1.97
CA GLY A 19 1.07 3.20 -0.65
C GLY A 19 0.73 4.47 0.13
N SER A 20 -0.05 5.35 -0.46
CA SER A 20 -0.46 6.56 0.22
C SER A 20 -1.92 6.48 0.64
N GLY A 21 -2.26 7.21 1.70
CA GLY A 21 -3.62 7.18 2.20
C GLY A 21 -3.94 5.89 2.92
N HIS A 22 -5.20 5.75 3.29
CA HIS A 22 -5.70 4.55 3.96
C HIS A 22 -7.16 4.34 3.61
N ILE A 23 -7.63 3.11 3.74
CA ILE A 23 -9.04 2.80 3.55
C ILE A 23 -9.86 3.39 4.71
N THR A 24 -9.22 3.46 5.89
CA THR A 24 -9.85 4.04 7.07
C THR A 24 -10.04 5.54 6.91
N GLY A 25 -9.20 6.16 6.08
CA GLY A 25 -9.29 7.59 5.87
C GLY A 25 -8.85 8.36 7.10
N ASN A 26 -7.71 7.98 7.64
CA ASN A 26 -7.24 8.57 8.90
C ASN A 26 -5.72 8.70 8.92
N TYR A 27 -5.07 8.42 7.80
CA TYR A 27 -3.62 8.45 7.73
C TYR A 27 -3.15 9.09 6.42
N ALA A 28 -1.89 9.50 6.38
CA ALA A 28 -1.33 10.11 5.18
C ALA A 28 -0.81 9.06 4.22
N SER A 29 -0.20 8.02 4.76
CA SER A 29 0.37 6.95 3.94
C SER A 29 0.53 5.67 4.76
N HIS A 30 0.95 4.60 4.08
CA HIS A 30 1.20 3.32 4.73
C HIS A 30 2.37 2.60 4.06
N ARG A 31 2.58 1.34 4.41
CA ARG A 31 3.72 0.58 3.91
C ARG A 31 3.43 -0.92 3.89
N SER A 32 2.20 -1.30 4.17
CA SER A 32 1.83 -2.71 4.18
C SER A 32 0.37 -2.91 3.76
N LEU A 33 -0.02 -4.16 3.55
CA LEU A 33 -1.37 -4.50 3.10
C LEU A 33 -2.38 -4.42 4.25
N SER A 34 -2.26 -3.40 5.07
CA SER A 34 -3.18 -3.21 6.17
C SER A 34 -4.11 -2.03 5.90
N GLY A 35 -3.54 -0.93 5.41
CA GLY A 35 -4.32 0.24 5.13
C GLY A 35 -4.37 0.59 3.66
N CYS A 36 -4.26 -0.44 2.81
CA CYS A 36 -4.31 -0.25 1.36
C CYS A 36 -5.70 0.17 0.89
N PRO A 37 -5.85 1.42 0.42
CA PRO A 37 -7.10 1.89 -0.15
C PRO A 37 -7.31 1.34 -1.55
N ARG A 38 -6.21 0.94 -2.18
CA ARG A 38 -6.24 0.31 -3.49
C ARG A 38 -5.91 -1.16 -3.37
N ALA A 39 -6.44 -1.79 -2.32
CA ALA A 39 -6.15 -3.19 -2.04
C ALA A 39 -6.46 -4.09 -3.23
N LYS A 40 -5.70 -5.18 -3.33
CA LYS A 40 -5.81 -6.15 -4.41
C LYS A 40 -7.26 -6.45 -4.77
N LYS A 41 -7.64 -6.08 -5.98
CA LYS A 41 -9.00 -6.25 -6.45
C LYS A 41 -9.04 -7.27 -7.59
N SER A 42 -10.10 -7.22 -8.39
CA SER A 42 -10.31 -8.17 -9.47
C SER A 42 -9.21 -8.12 -10.52
N GLY A 43 -8.65 -6.93 -10.74
CA GLY A 43 -7.61 -6.78 -11.75
C GLY A 43 -6.22 -6.79 -11.16
N LEU A 44 -6.13 -6.56 -9.86
CA LEU A 44 -4.84 -6.54 -9.18
C LEU A 44 -4.62 -7.83 -8.40
N ARG A 45 -4.26 -8.89 -9.11
CA ARG A 45 -4.01 -10.19 -8.52
C ARG A 45 -5.18 -10.67 -7.68
N VAL A 46 -6.29 -10.97 -8.34
CA VAL A 46 -7.47 -11.48 -7.66
C VAL A 46 -7.19 -12.88 -7.12
N GLY A 1 -2.24 4.07 -10.02
CA GLY A 1 -1.28 3.26 -9.24
C GLY A 1 -0.27 4.11 -8.50
N SER A 2 1.01 3.89 -8.76
CA SER A 2 2.06 4.65 -8.12
C SER A 2 2.42 5.88 -8.96
N MET A 3 2.25 7.06 -8.39
CA MET A 3 2.55 8.29 -9.09
C MET A 3 4.03 8.67 -8.89
N ALA A 4 4.48 8.59 -7.65
CA ALA A 4 5.85 8.93 -7.31
C ALA A 4 6.61 7.73 -6.77
N ALA A 5 5.92 6.60 -6.67
CA ALA A 5 6.53 5.38 -6.18
C ALA A 5 6.79 4.41 -7.32
N HIS A 6 7.33 3.24 -6.99
CA HIS A 6 7.61 2.22 -7.99
C HIS A 6 7.22 0.84 -7.46
N SER A 7 7.29 -0.15 -8.32
CA SER A 7 6.93 -1.51 -7.96
C SER A 7 8.08 -2.22 -7.24
N ALA A 8 8.38 -1.75 -6.04
CA ALA A 8 9.43 -2.34 -5.22
C ALA A 8 9.04 -2.27 -3.75
N ASP A 9 9.87 -2.83 -2.88
CA ASP A 9 9.56 -2.83 -1.45
C ASP A 9 9.90 -1.50 -0.79
N LEU A 10 9.67 -0.43 -1.53
CA LEU A 10 9.77 0.91 -1.00
C LEU A 10 8.41 1.35 -0.50
N LYS A 11 7.40 0.64 -0.94
CA LYS A 11 6.03 0.90 -0.52
C LYS A 11 5.37 -0.43 -0.15
N CYS A 12 4.06 -0.45 -0.08
CA CYS A 12 3.32 -1.61 0.35
C CYS A 12 3.39 -2.76 -0.68
N PRO A 13 2.97 -3.96 -0.28
CA PRO A 13 2.98 -5.15 -1.14
C PRO A 13 2.06 -5.03 -2.36
N THR A 14 0.96 -4.30 -2.19
CA THR A 14 -0.06 -4.18 -3.21
C THR A 14 0.43 -3.47 -4.48
N PRO A 15 0.41 -4.17 -5.63
CA PRO A 15 0.85 -3.62 -6.92
C PRO A 15 -0.03 -2.48 -7.41
N GLY A 16 -1.33 -2.58 -7.18
CA GLY A 16 -2.26 -1.58 -7.65
C GLY A 16 -2.28 -0.34 -6.78
N CYS A 17 -1.86 -0.50 -5.54
CA CYS A 17 -1.79 0.60 -4.60
C CYS A 17 -0.42 1.26 -4.69
N ASP A 18 -0.28 2.42 -4.08
CA ASP A 18 0.98 3.17 -4.14
C ASP A 18 1.55 3.40 -2.74
N GLY A 19 0.71 3.23 -1.73
CA GLY A 19 1.19 3.40 -0.36
C GLY A 19 0.75 4.70 0.27
N SER A 20 0.06 5.55 -0.49
CA SER A 20 -0.42 6.81 0.04
C SER A 20 -1.90 6.70 0.40
N GLY A 21 -2.26 7.21 1.57
CA GLY A 21 -3.63 7.17 2.01
C GLY A 21 -3.95 5.90 2.77
N HIS A 22 -5.23 5.72 3.06
CA HIS A 22 -5.73 4.53 3.76
C HIS A 22 -7.20 4.34 3.40
N ILE A 23 -7.67 3.10 3.45
CA ILE A 23 -9.09 2.83 3.22
C ILE A 23 -9.91 3.35 4.40
N THR A 24 -9.28 3.38 5.57
CA THR A 24 -9.92 3.89 6.77
C THR A 24 -10.12 5.41 6.69
N GLY A 25 -9.33 6.07 5.84
CA GLY A 25 -9.44 7.51 5.69
C GLY A 25 -9.09 8.25 6.97
N ASN A 26 -8.03 7.79 7.63
CA ASN A 26 -7.65 8.35 8.92
C ASN A 26 -6.15 8.58 9.02
N TYR A 27 -5.44 8.43 7.90
CA TYR A 27 -3.98 8.53 7.91
C TYR A 27 -3.48 9.33 6.73
N ALA A 28 -2.17 9.31 6.53
CA ALA A 28 -1.56 10.00 5.41
C ALA A 28 -0.98 9.00 4.42
N SER A 29 -0.34 7.96 4.93
CA SER A 29 0.25 6.93 4.07
C SER A 29 0.52 5.66 4.87
N HIS A 30 1.06 4.65 4.18
CA HIS A 30 1.36 3.37 4.80
C HIS A 30 2.51 2.69 4.03
N ARG A 31 2.75 1.41 4.31
CA ARG A 31 3.82 0.68 3.64
C ARG A 31 3.56 -0.82 3.67
N SER A 32 2.35 -1.20 4.05
CA SER A 32 1.97 -2.60 4.10
C SER A 32 0.51 -2.77 3.70
N LEU A 33 0.09 -4.03 3.50
CA LEU A 33 -1.28 -4.33 3.08
C LEU A 33 -2.27 -4.21 4.25
N SER A 34 -1.97 -3.32 5.19
CA SER A 34 -2.82 -3.12 6.35
C SER A 34 -3.68 -1.88 6.18
N GLY A 35 -3.28 -1.01 5.26
CA GLY A 35 -4.01 0.23 5.07
C GLY A 35 -4.10 0.66 3.63
N CYS A 36 -4.02 -0.31 2.72
CA CYS A 36 -4.12 -0.02 1.30
C CYS A 36 -5.52 0.47 0.93
N PRO A 37 -5.64 1.71 0.42
CA PRO A 37 -6.90 2.25 -0.05
C PRO A 37 -7.33 1.59 -1.36
N ARG A 38 -6.39 0.87 -1.96
CA ARG A 38 -6.65 0.13 -3.18
C ARG A 38 -6.41 -1.36 -2.94
N ALA A 39 -6.89 -1.85 -1.80
CA ALA A 39 -6.71 -3.24 -1.42
C ALA A 39 -7.20 -4.18 -2.52
N LYS A 40 -6.46 -5.26 -2.73
CA LYS A 40 -6.73 -6.18 -3.84
C LYS A 40 -8.11 -6.83 -3.69
N LYS A 41 -8.61 -6.91 -2.44
CA LYS A 41 -9.91 -7.51 -2.14
C LYS A 41 -9.90 -9.00 -2.44
N SER A 42 -10.10 -9.36 -3.70
CA SER A 42 -10.01 -10.75 -4.13
C SER A 42 -8.56 -11.24 -4.02
N GLY A 43 -8.26 -11.89 -2.90
CA GLY A 43 -6.89 -12.27 -2.63
C GLY A 43 -6.05 -11.05 -2.28
N LEU A 44 -6.44 -10.35 -1.22
CA LEU A 44 -5.78 -9.10 -0.86
C LEU A 44 -4.45 -9.35 -0.18
N ARG A 45 -4.38 -10.32 0.71
CA ARG A 45 -3.15 -10.59 1.42
C ARG A 45 -2.79 -12.07 1.37
N VAL A 46 -3.03 -12.67 0.23
CA VAL A 46 -2.63 -14.06 0.00
C VAL A 46 -1.86 -14.15 -1.31
#